data_1ZRJ
#
_entry.id   1ZRJ
#
_entity_poly.entity_id   1
_entity_poly.type   'polypeptide(L)'
_entity_poly.pdbx_seq_one_letter_code
;GSSGSSGMDVRRLKVNELREELQRRGLDTRGLKAELAERLQAALSGPSSG
;
_entity_poly.pdbx_strand_id   A
#
# COMPACT_ATOMS: atom_id res chain seq x y z
N GLY A 1 23.21 -7.88 5.00
CA GLY A 1 22.02 -8.39 4.36
C GLY A 1 20.94 -8.76 5.35
N SER A 2 19.73 -8.97 4.84
CA SER A 2 18.60 -9.34 5.70
C SER A 2 17.92 -10.62 5.21
N SER A 3 17.99 -11.66 6.01
CA SER A 3 17.39 -12.94 5.66
C SER A 3 15.91 -12.78 5.32
N GLY A 4 15.29 -13.86 4.85
CA GLY A 4 13.88 -13.81 4.50
C GLY A 4 13.58 -12.80 3.41
N SER A 5 12.33 -12.38 3.32
CA SER A 5 11.91 -11.41 2.32
C SER A 5 11.65 -10.05 2.95
N SER A 6 11.40 -9.05 2.12
CA SER A 6 11.14 -7.69 2.59
C SER A 6 10.22 -7.71 3.81
N GLY A 7 10.19 -6.61 4.54
CA GLY A 7 9.36 -6.51 5.73
C GLY A 7 8.36 -5.38 5.64
N MET A 8 7.62 -5.33 4.53
CA MET A 8 6.62 -4.28 4.34
C MET A 8 5.22 -4.82 4.61
N ASP A 9 4.76 -4.64 5.85
CA ASP A 9 3.43 -5.11 6.25
C ASP A 9 2.38 -4.04 5.97
N VAL A 10 1.93 -3.97 4.72
CA VAL A 10 0.91 -2.98 4.33
C VAL A 10 -0.30 -3.05 5.25
N ARG A 11 -0.60 -4.25 5.74
CA ARG A 11 -1.74 -4.44 6.63
C ARG A 11 -1.57 -3.63 7.91
N ARG A 12 -0.36 -3.65 8.46
CA ARG A 12 -0.08 -2.91 9.68
C ARG A 12 -0.41 -1.44 9.52
N LEU A 13 -0.30 -0.94 8.30
CA LEU A 13 -0.59 0.47 8.02
C LEU A 13 -2.08 0.76 8.19
N LYS A 14 -2.40 1.63 9.15
CA LYS A 14 -3.78 2.00 9.42
C LYS A 14 -4.45 2.54 8.17
N VAL A 15 -5.74 2.84 8.28
CA VAL A 15 -6.50 3.37 7.16
C VAL A 15 -5.93 4.71 6.68
N ASN A 16 -5.44 5.50 7.63
CA ASN A 16 -4.87 6.81 7.32
C ASN A 16 -3.58 6.65 6.52
N GLU A 17 -2.75 5.70 6.92
CA GLU A 17 -1.49 5.45 6.23
C GLU A 17 -1.72 5.02 4.79
N LEU A 18 -2.67 4.10 4.60
CA LEU A 18 -2.99 3.60 3.27
C LEU A 18 -3.64 4.68 2.42
N ARG A 19 -4.48 5.49 3.05
CA ARG A 19 -5.16 6.57 2.35
C ARG A 19 -4.15 7.56 1.76
N GLU A 20 -3.13 7.90 2.54
CA GLU A 20 -2.10 8.83 2.10
C GLU A 20 -1.31 8.24 0.93
N GLU A 21 -0.91 6.99 1.07
CA GLU A 21 -0.14 6.31 0.03
C GLU A 21 -0.96 6.18 -1.25
N LEU A 22 -2.17 5.65 -1.11
CA LEU A 22 -3.05 5.47 -2.26
C LEU A 22 -3.26 6.78 -3.01
N GLN A 23 -3.50 7.84 -2.25
CA GLN A 23 -3.72 9.17 -2.84
C GLN A 23 -2.49 9.62 -3.63
N ARG A 24 -1.31 9.42 -3.05
CA ARG A 24 -0.07 9.80 -3.70
C ARG A 24 0.15 8.99 -4.97
N ARG A 25 -0.51 7.85 -5.07
CA ARG A 25 -0.39 6.99 -6.23
C ARG A 25 -1.61 7.09 -7.14
N GLY A 26 -2.42 8.13 -6.90
CA GLY A 26 -3.61 8.33 -7.70
C GLY A 26 -4.54 7.15 -7.66
N LEU A 27 -4.42 6.33 -6.61
CA LEU A 27 -5.25 5.14 -6.46
C LEU A 27 -6.48 5.45 -5.61
N ASP A 28 -7.59 4.82 -5.94
CA ASP A 28 -8.85 5.02 -5.21
C ASP A 28 -8.64 4.76 -3.73
N THR A 29 -9.28 5.58 -2.90
CA THR A 29 -9.17 5.44 -1.45
C THR A 29 -10.51 5.04 -0.84
N ARG A 30 -11.28 4.24 -1.58
CA ARG A 30 -12.58 3.80 -1.11
C ARG A 30 -12.51 2.35 -0.61
N GLY A 31 -13.56 1.92 0.09
CA GLY A 31 -13.58 0.56 0.61
C GLY A 31 -13.06 0.48 2.03
N LEU A 32 -13.20 -0.68 2.64
CA LEU A 32 -12.74 -0.89 4.01
C LEU A 32 -11.22 -0.84 4.09
N LYS A 33 -10.68 -0.90 5.30
CA LYS A 33 -9.25 -0.87 5.51
C LYS A 33 -8.55 -1.96 4.72
N ALA A 34 -9.04 -3.19 4.85
CA ALA A 34 -8.48 -4.33 4.14
C ALA A 34 -8.41 -4.06 2.64
N GLU A 35 -9.49 -3.50 2.10
CA GLU A 35 -9.56 -3.19 0.68
C GLU A 35 -8.44 -2.23 0.27
N LEU A 36 -8.21 -1.21 1.08
CA LEU A 36 -7.17 -0.23 0.81
C LEU A 36 -5.79 -0.87 0.85
N ALA A 37 -5.60 -1.81 1.76
CA ALA A 37 -4.33 -2.51 1.89
C ALA A 37 -4.02 -3.32 0.64
N GLU A 38 -5.02 -4.05 0.15
CA GLU A 38 -4.84 -4.87 -1.04
C GLU A 38 -4.59 -4.00 -2.27
N ARG A 39 -5.33 -2.91 -2.37
CA ARG A 39 -5.19 -1.99 -3.50
C ARG A 39 -3.75 -1.47 -3.60
N LEU A 40 -3.25 -0.90 -2.50
CA LEU A 40 -1.90 -0.37 -2.47
C LEU A 40 -0.87 -1.47 -2.73
N GLN A 41 -1.07 -2.62 -2.08
CA GLN A 41 -0.16 -3.75 -2.25
C GLN A 41 -0.13 -4.21 -3.70
N ALA A 42 -1.30 -4.25 -4.33
CA ALA A 42 -1.40 -4.67 -5.72
C ALA A 42 -0.50 -3.83 -6.62
N ALA A 43 -0.49 -2.53 -6.39
CA ALA A 43 0.33 -1.62 -7.19
C ALA A 43 1.82 -1.87 -6.94
N LEU A 44 2.18 -2.03 -5.67
CA LEU A 44 3.56 -2.27 -5.30
C LEU A 44 4.09 -3.55 -5.94
N SER A 45 3.26 -4.59 -5.95
CA SER A 45 3.64 -5.86 -6.54
C SER A 45 4.12 -5.68 -7.98
N GLY A 46 5.44 -5.63 -8.16
CA GLY A 46 6.00 -5.46 -9.49
C GLY A 46 6.65 -6.72 -10.00
N PRO A 47 5.82 -7.62 -10.57
CA PRO A 47 6.29 -8.89 -11.13
C PRO A 47 7.11 -8.70 -12.39
N SER A 48 7.25 -7.45 -12.83
CA SER A 48 8.00 -7.13 -14.04
C SER A 48 9.36 -7.83 -14.02
N SER A 49 9.55 -8.77 -14.94
CA SER A 49 10.79 -9.52 -15.03
C SER A 49 11.67 -8.97 -16.15
N GLY A 50 12.49 -7.97 -15.81
CA GLY A 50 13.37 -7.37 -16.80
C GLY A 50 12.71 -6.24 -17.55
N GLY A 1 9.57 10.16 -4.36
CA GLY A 1 9.35 8.80 -3.90
C GLY A 1 10.28 8.42 -2.77
N SER A 2 9.73 8.33 -1.56
CA SER A 2 10.52 7.97 -0.39
C SER A 2 10.94 6.51 -0.43
N SER A 3 12.25 6.28 -0.48
CA SER A 3 12.78 4.92 -0.54
C SER A 3 13.74 4.66 0.62
N GLY A 4 13.37 3.73 1.49
CA GLY A 4 14.20 3.40 2.64
C GLY A 4 13.57 2.34 3.52
N SER A 5 12.92 1.37 2.91
CA SER A 5 12.27 0.29 3.65
C SER A 5 12.43 -1.04 2.93
N SER A 6 12.69 -2.09 3.70
CA SER A 6 12.87 -3.43 3.14
C SER A 6 11.58 -4.22 3.21
N GLY A 7 10.90 -4.14 4.35
CA GLY A 7 9.65 -4.86 4.52
C GLY A 7 8.45 -3.94 4.56
N MET A 8 7.41 -4.29 3.81
CA MET A 8 6.20 -3.47 3.77
C MET A 8 5.09 -4.11 4.59
N ASP A 9 4.76 -3.49 5.73
CA ASP A 9 3.71 -4.00 6.60
C ASP A 9 2.36 -3.38 6.26
N VAL A 10 2.06 -3.29 4.97
CA VAL A 10 0.81 -2.71 4.51
C VAL A 10 -0.34 -3.12 5.42
N ARG A 11 -0.25 -4.31 5.99
CA ARG A 11 -1.28 -4.83 6.89
C ARG A 11 -1.31 -4.05 8.20
N ARG A 12 -0.12 -3.76 8.73
CA ARG A 12 -0.01 -3.03 9.99
C ARG A 12 -0.28 -1.54 9.77
N LEU A 13 -0.33 -1.13 8.51
CA LEU A 13 -0.58 0.27 8.16
C LEU A 13 -2.04 0.62 8.39
N LYS A 14 -2.27 1.63 9.23
CA LYS A 14 -3.62 2.09 9.53
C LYS A 14 -4.34 2.52 8.26
N VAL A 15 -5.63 2.83 8.40
CA VAL A 15 -6.44 3.27 7.26
C VAL A 15 -5.92 4.59 6.70
N ASN A 16 -5.56 5.50 7.59
CA ASN A 16 -5.06 6.80 7.19
C ASN A 16 -3.76 6.66 6.39
N GLU A 17 -2.91 5.74 6.81
CA GLU A 17 -1.64 5.51 6.13
C GLU A 17 -1.87 4.97 4.73
N LEU A 18 -2.80 4.03 4.59
CA LEU A 18 -3.11 3.43 3.30
C LEU A 18 -3.72 4.47 2.36
N ARG A 19 -4.57 5.32 2.91
CA ARG A 19 -5.23 6.37 2.11
C ARG A 19 -4.20 7.31 1.51
N GLU A 20 -3.19 7.67 2.31
CA GLU A 20 -2.14 8.57 1.85
C GLU A 20 -1.33 7.94 0.71
N GLU A 21 -0.96 6.68 0.90
CA GLU A 21 -0.19 5.97 -0.11
C GLU A 21 -1.00 5.77 -1.39
N LEU A 22 -2.25 5.38 -1.23
CA LEU A 22 -3.14 5.16 -2.37
C LEU A 22 -3.42 6.46 -3.11
N GLN A 23 -3.66 7.53 -2.35
CA GLN A 23 -3.94 8.83 -2.92
C GLN A 23 -2.74 9.35 -3.71
N ARG A 24 -1.55 9.17 -3.13
CA ARG A 24 -0.32 9.62 -3.78
C ARG A 24 -0.06 8.84 -5.06
N ARG A 25 -0.57 7.61 -5.12
CA ARG A 25 -0.40 6.77 -6.30
C ARG A 25 -1.55 6.95 -7.27
N GLY A 26 -2.40 7.93 -7.00
CA GLY A 26 -3.54 8.19 -7.87
C GLY A 26 -4.56 7.07 -7.82
N LEU A 27 -4.50 6.25 -6.79
CA LEU A 27 -5.42 5.14 -6.64
C LEU A 27 -6.57 5.51 -5.70
N ASP A 28 -7.76 5.00 -6.01
CA ASP A 28 -8.94 5.27 -5.19
C ASP A 28 -8.62 5.14 -3.71
N THR A 29 -9.20 6.02 -2.90
CA THR A 29 -8.97 6.01 -1.46
C THR A 29 -10.22 5.57 -0.71
N ARG A 30 -11.09 4.83 -1.41
CA ARG A 30 -12.33 4.35 -0.81
C ARG A 30 -12.25 2.85 -0.53
N GLY A 31 -13.09 2.38 0.38
CA GLY A 31 -13.11 0.96 0.71
C GLY A 31 -12.54 0.69 2.08
N LEU A 32 -13.00 -0.38 2.72
CA LEU A 32 -12.54 -0.75 4.05
C LEU A 32 -11.02 -0.80 4.10
N LYS A 33 -10.48 -1.04 5.29
CA LYS A 33 -9.03 -1.10 5.47
C LYS A 33 -8.43 -2.20 4.61
N ALA A 34 -9.01 -3.39 4.67
CA ALA A 34 -8.53 -4.52 3.89
C ALA A 34 -8.53 -4.20 2.40
N GLU A 35 -9.64 -3.62 1.93
CA GLU A 35 -9.77 -3.27 0.52
C GLU A 35 -8.68 -2.29 0.10
N LEU A 36 -8.41 -1.30 0.96
CA LEU A 36 -7.40 -0.30 0.67
C LEU A 36 -6.00 -0.92 0.69
N ALA A 37 -5.78 -1.82 1.64
CA ALA A 37 -4.49 -2.49 1.78
C ALA A 37 -4.18 -3.33 0.53
N GLU A 38 -5.17 -4.10 0.08
CA GLU A 38 -5.00 -4.95 -1.08
C GLU A 38 -4.73 -4.12 -2.33
N ARG A 39 -5.43 -2.99 -2.44
CA ARG A 39 -5.27 -2.11 -3.59
C ARG A 39 -3.88 -1.48 -3.61
N LEU A 40 -3.44 -0.99 -2.46
CA LEU A 40 -2.13 -0.37 -2.34
C LEU A 40 -1.02 -1.39 -2.59
N GLN A 41 -1.17 -2.57 -1.99
CA GLN A 41 -0.18 -3.63 -2.14
C GLN A 41 -0.03 -4.02 -3.61
N ALA A 42 -1.15 -4.08 -4.32
CA ALA A 42 -1.15 -4.44 -5.73
C ALA A 42 -0.26 -3.49 -6.54
N ALA A 43 -0.38 -2.20 -6.26
CA ALA A 43 0.41 -1.19 -6.96
C ALA A 43 1.89 -1.34 -6.64
N LEU A 44 2.20 -1.61 -5.38
CA LEU A 44 3.58 -1.78 -4.93
C LEU A 44 4.21 -3.01 -5.58
N SER A 45 3.48 -4.12 -5.56
CA SER A 45 3.97 -5.36 -6.14
C SER A 45 5.31 -5.77 -5.53
N GLY A 46 5.41 -5.65 -4.21
CA GLY A 46 6.64 -6.00 -3.52
C GLY A 46 6.74 -7.49 -3.24
N PRO A 47 7.96 -7.96 -2.96
CA PRO A 47 8.21 -9.37 -2.66
C PRO A 47 7.65 -9.79 -1.32
N SER A 48 6.41 -10.27 -1.33
CA SER A 48 5.75 -10.71 -0.10
C SER A 48 5.26 -12.15 -0.23
N SER A 49 5.97 -13.08 0.41
CA SER A 49 5.61 -14.48 0.37
C SER A 49 5.51 -14.98 -1.07
N GLY A 50 6.47 -14.56 -1.90
CA GLY A 50 6.48 -14.97 -3.29
C GLY A 50 7.31 -14.05 -4.16
N GLY A 1 23.00 10.19 -1.25
CA GLY A 1 22.74 8.83 -0.82
C GLY A 1 21.27 8.48 -0.88
N SER A 2 20.94 7.48 -1.70
CA SER A 2 19.56 7.05 -1.85
C SER A 2 19.11 6.23 -0.65
N SER A 3 18.66 6.91 0.39
CA SER A 3 18.20 6.25 1.61
C SER A 3 16.84 5.61 1.40
N GLY A 4 16.50 4.64 2.25
CA GLY A 4 15.23 3.96 2.13
C GLY A 4 14.43 4.01 3.42
N SER A 5 13.14 3.70 3.32
CA SER A 5 12.26 3.71 4.48
C SER A 5 12.25 2.36 5.19
N SER A 6 11.81 2.34 6.43
CA SER A 6 11.75 1.11 7.21
C SER A 6 10.30 0.62 7.35
N GLY A 7 10.12 -0.69 7.23
CA GLY A 7 8.79 -1.27 7.35
C GLY A 7 7.86 -0.80 6.25
N MET A 8 7.42 -1.72 5.41
CA MET A 8 6.53 -1.40 4.30
C MET A 8 5.26 -2.25 4.37
N ASP A 9 5.28 -3.27 5.22
CA ASP A 9 4.13 -4.15 5.37
C ASP A 9 2.84 -3.36 5.46
N VAL A 10 2.05 -3.41 4.38
CA VAL A 10 0.78 -2.69 4.34
C VAL A 10 -0.06 -2.96 5.57
N ARG A 11 -0.04 -4.22 6.03
CA ARG A 11 -0.80 -4.62 7.20
C ARG A 11 -0.51 -3.69 8.37
N ARG A 12 0.72 -3.21 8.45
CA ARG A 12 1.14 -2.32 9.53
C ARG A 12 0.62 -0.91 9.29
N LEU A 13 0.47 -0.55 8.02
CA LEU A 13 -0.02 0.78 7.65
C LEU A 13 -1.49 0.96 8.04
N LYS A 14 -1.73 1.79 9.04
CA LYS A 14 -3.09 2.05 9.51
C LYS A 14 -3.97 2.53 8.37
N VAL A 15 -5.26 2.67 8.64
CA VAL A 15 -6.21 3.13 7.64
C VAL A 15 -5.80 4.48 7.07
N ASN A 16 -5.33 5.37 7.94
CA ASN A 16 -4.90 6.69 7.52
C ASN A 16 -3.69 6.61 6.60
N GLU A 17 -2.81 5.65 6.87
CA GLU A 17 -1.60 5.46 6.07
C GLU A 17 -1.96 4.96 4.66
N LEU A 18 -2.89 4.00 4.61
CA LEU A 18 -3.31 3.43 3.34
C LEU A 18 -3.91 4.51 2.43
N ARG A 19 -4.74 5.36 3.01
CA ARG A 19 -5.38 6.44 2.26
C ARG A 19 -4.34 7.44 1.77
N GLU A 20 -3.37 7.76 2.63
CA GLU A 20 -2.32 8.70 2.28
C GLU A 20 -1.43 8.15 1.17
N GLU A 21 -1.04 6.89 1.31
CA GLU A 21 -0.18 6.24 0.32
C GLU A 21 -0.93 6.04 -0.99
N LEU A 22 -2.18 5.60 -0.90
CA LEU A 22 -3.00 5.37 -2.08
C LEU A 22 -3.23 6.67 -2.85
N GLN A 23 -3.38 7.76 -2.11
CA GLN A 23 -3.60 9.06 -2.72
C GLN A 23 -2.40 9.49 -3.56
N ARG A 24 -1.20 9.20 -3.05
CA ARG A 24 0.03 9.56 -3.75
C ARG A 24 0.18 8.73 -5.03
N ARG A 25 -0.36 7.52 -5.01
CA ARG A 25 -0.28 6.62 -6.17
C ARG A 25 -1.46 6.84 -7.10
N GLY A 26 -2.17 7.94 -6.91
CA GLY A 26 -3.33 8.24 -7.74
C GLY A 26 -4.36 7.13 -7.72
N LEU A 27 -4.36 6.34 -6.66
CA LEU A 27 -5.29 5.23 -6.53
C LEU A 27 -6.52 5.65 -5.72
N ASP A 28 -7.67 5.05 -6.04
CA ASP A 28 -8.91 5.36 -5.35
C ASP A 28 -8.77 5.10 -3.85
N THR A 29 -9.41 5.95 -3.06
CA THR A 29 -9.35 5.82 -1.60
C THR A 29 -10.67 5.30 -1.05
N ARG A 30 -11.39 4.51 -1.85
CA ARG A 30 -12.66 3.96 -1.44
C ARG A 30 -12.52 2.49 -1.06
N GLY A 31 -13.46 2.00 -0.26
CA GLY A 31 -13.43 0.61 0.17
C GLY A 31 -13.00 0.46 1.61
N LEU A 32 -13.40 -0.66 2.23
CA LEU A 32 -13.05 -0.91 3.62
C LEU A 32 -11.54 -0.93 3.82
N LYS A 33 -11.11 -0.97 5.07
CA LYS A 33 -9.69 -1.00 5.40
C LYS A 33 -8.99 -2.13 4.66
N ALA A 34 -9.62 -3.30 4.63
CA ALA A 34 -9.06 -4.46 3.95
C ALA A 34 -8.90 -4.21 2.45
N GLU A 35 -9.91 -3.56 1.87
CA GLU A 35 -9.88 -3.25 0.44
C GLU A 35 -8.73 -2.31 0.10
N LEU A 36 -8.53 -1.30 0.95
CA LEU A 36 -7.46 -0.33 0.75
C LEU A 36 -6.09 -1.00 0.83
N ALA A 37 -5.98 -2.00 1.70
CA ALA A 37 -4.72 -2.72 1.87
C ALA A 37 -4.34 -3.47 0.60
N GLU A 38 -5.32 -4.16 0.01
CA GLU A 38 -5.08 -4.92 -1.21
C GLU A 38 -4.78 -3.99 -2.38
N ARG A 39 -5.50 -2.88 -2.44
CA ARG A 39 -5.32 -1.91 -3.52
C ARG A 39 -3.88 -1.42 -3.56
N LEU A 40 -3.39 -0.94 -2.42
CA LEU A 40 -2.02 -0.44 -2.34
C LEU A 40 -1.01 -1.56 -2.56
N GLN A 41 -1.29 -2.73 -2.00
CA GLN A 41 -0.42 -3.89 -2.15
C GLN A 41 -0.25 -4.26 -3.63
N ALA A 42 -1.37 -4.29 -4.35
CA ALA A 42 -1.36 -4.63 -5.76
C ALA A 42 -0.47 -3.67 -6.55
N ALA A 43 -0.49 -2.41 -6.17
CA ALA A 43 0.31 -1.39 -6.84
C ALA A 43 1.79 -1.53 -6.47
N LEU A 44 2.05 -1.99 -5.25
CA LEU A 44 3.42 -2.17 -4.77
C LEU A 44 4.12 -3.28 -5.55
N SER A 45 3.41 -4.39 -5.75
CA SER A 45 3.97 -5.53 -6.48
C SER A 45 4.30 -5.15 -7.91
N GLY A 46 3.48 -4.28 -8.50
CA GLY A 46 3.70 -3.85 -9.86
C GLY A 46 2.74 -2.75 -10.29
N PRO A 47 2.68 -2.50 -11.61
CA PRO A 47 1.80 -1.47 -12.18
C PRO A 47 0.32 -1.84 -12.06
N SER A 48 0.00 -3.07 -12.43
CA SER A 48 -1.38 -3.56 -12.37
C SER A 48 -2.03 -3.18 -11.05
N SER A 49 -3.13 -2.43 -11.12
CA SER A 49 -3.84 -1.99 -9.92
C SER A 49 -4.57 -3.17 -9.27
N GLY A 50 -5.31 -2.88 -8.22
CA GLY A 50 -6.04 -3.91 -7.51
C GLY A 50 -7.54 -3.80 -7.70
N GLY A 1 20.73 12.10 4.63
CA GLY A 1 21.59 10.99 5.02
C GLY A 1 20.82 9.71 5.25
N SER A 2 20.35 9.51 6.48
CA SER A 2 19.60 8.31 6.84
C SER A 2 18.16 8.40 6.33
N SER A 3 17.92 7.85 5.15
CA SER A 3 16.59 7.88 4.56
C SER A 3 16.43 6.78 3.51
N GLY A 4 15.19 6.48 3.14
CA GLY A 4 14.93 5.46 2.14
C GLY A 4 15.02 4.07 2.72
N SER A 5 14.08 3.21 2.33
CA SER A 5 14.04 1.83 2.82
C SER A 5 13.64 0.87 1.71
N SER A 6 13.64 -0.42 2.03
CA SER A 6 13.28 -1.45 1.06
C SER A 6 12.23 -2.39 1.62
N GLY A 7 11.25 -1.82 2.32
CA GLY A 7 10.19 -2.62 2.90
C GLY A 7 9.01 -1.78 3.35
N MET A 8 7.83 -2.39 3.38
CA MET A 8 6.62 -1.70 3.79
C MET A 8 5.52 -2.68 4.17
N ASP A 9 5.07 -2.61 5.42
CA ASP A 9 4.03 -3.51 5.91
C ASP A 9 2.65 -2.87 5.76
N VAL A 10 2.08 -2.98 4.56
CA VAL A 10 0.77 -2.41 4.28
C VAL A 10 -0.25 -2.84 5.33
N ARG A 11 -0.14 -4.09 5.78
CA ARG A 11 -1.05 -4.63 6.79
C ARG A 11 -0.87 -3.90 8.11
N ARG A 12 0.31 -3.34 8.33
CA ARG A 12 0.60 -2.63 9.56
C ARG A 12 0.44 -1.13 9.37
N LEU A 13 -0.46 -0.74 8.46
CA LEU A 13 -0.71 0.67 8.19
C LEU A 13 -2.19 1.00 8.41
N LYS A 14 -2.45 1.86 9.39
CA LYS A 14 -3.81 2.26 9.71
C LYS A 14 -4.55 2.71 8.46
N VAL A 15 -5.86 2.88 8.58
CA VAL A 15 -6.69 3.31 7.45
C VAL A 15 -6.17 4.62 6.87
N ASN A 16 -5.78 5.54 7.74
CA ASN A 16 -5.27 6.84 7.31
C ASN A 16 -3.96 6.69 6.55
N GLU A 17 -3.10 5.80 7.04
CA GLU A 17 -1.81 5.56 6.42
C GLU A 17 -1.98 5.00 5.00
N LEU A 18 -2.87 4.02 4.88
CA LEU A 18 -3.14 3.40 3.59
C LEU A 18 -3.66 4.42 2.58
N ARG A 19 -4.56 5.30 3.04
CA ARG A 19 -5.13 6.33 2.18
C ARG A 19 -4.04 7.26 1.65
N GLU A 20 -3.09 7.60 2.51
CA GLU A 20 -1.99 8.48 2.14
C GLU A 20 -1.16 7.87 1.01
N GLU A 21 -0.83 6.59 1.16
CA GLU A 21 -0.04 5.89 0.16
C GLU A 21 -0.82 5.71 -1.13
N LEU A 22 -2.10 5.38 -1.00
CA LEU A 22 -2.97 5.18 -2.17
C LEU A 22 -3.15 6.49 -2.94
N GLN A 23 -3.28 7.58 -2.20
CA GLN A 23 -3.46 8.89 -2.81
C GLN A 23 -2.25 9.27 -3.66
N ARG A 24 -1.06 8.96 -3.16
CA ARG A 24 0.17 9.27 -3.87
C ARG A 24 0.22 8.55 -5.22
N ARG A 25 -0.32 7.32 -5.24
CA ARG A 25 -0.33 6.54 -6.47
C ARG A 25 -1.58 6.83 -7.29
N GLY A 26 -2.28 7.90 -6.93
CA GLY A 26 -3.48 8.28 -7.64
C GLY A 26 -4.52 7.17 -7.65
N LEU A 27 -4.45 6.28 -6.67
CA LEU A 27 -5.38 5.17 -6.56
C LEU A 27 -6.57 5.54 -5.68
N ASP A 28 -7.75 5.04 -6.04
CA ASP A 28 -8.96 5.32 -5.28
C ASP A 28 -8.74 5.07 -3.79
N THR A 29 -9.26 5.96 -2.96
CA THR A 29 -9.12 5.83 -1.51
C THR A 29 -10.43 5.41 -0.87
N ARG A 30 -11.18 4.55 -1.56
CA ARG A 30 -12.45 4.06 -1.05
C ARG A 30 -12.35 2.59 -0.67
N GLY A 31 -13.36 2.10 0.06
CA GLY A 31 -13.36 0.71 0.48
C GLY A 31 -12.88 0.53 1.90
N LEU A 32 -13.24 -0.60 2.50
CA LEU A 32 -12.84 -0.89 3.87
C LEU A 32 -11.31 -0.85 4.01
N LYS A 33 -10.84 -0.99 5.24
CA LYS A 33 -9.41 -0.97 5.52
C LYS A 33 -8.69 -2.07 4.74
N ALA A 34 -9.16 -3.30 4.89
CA ALA A 34 -8.56 -4.44 4.20
C ALA A 34 -8.50 -4.20 2.70
N GLU A 35 -9.59 -3.67 2.15
CA GLU A 35 -9.67 -3.39 0.72
C GLU A 35 -8.56 -2.43 0.29
N LEU A 36 -8.37 -1.39 1.09
CA LEU A 36 -7.34 -0.39 0.80
C LEU A 36 -5.95 -1.02 0.78
N ALA A 37 -5.74 -1.99 1.67
CA ALA A 37 -4.46 -2.67 1.75
C ALA A 37 -4.15 -3.44 0.46
N GLU A 38 -5.15 -4.16 -0.04
CA GLU A 38 -4.99 -4.94 -1.25
C GLU A 38 -4.74 -4.03 -2.45
N ARG A 39 -5.43 -2.89 -2.48
CA ARG A 39 -5.29 -1.93 -3.56
C ARG A 39 -3.86 -1.37 -3.61
N LEU A 40 -3.36 -0.97 -2.45
CA LEU A 40 -2.01 -0.41 -2.35
C LEU A 40 -0.96 -1.46 -2.70
N GLN A 41 -1.13 -2.67 -2.16
CA GLN A 41 -0.19 -3.76 -2.41
C GLN A 41 -0.15 -4.10 -3.90
N ALA A 42 -1.33 -4.10 -4.53
CA ALA A 42 -1.43 -4.41 -5.95
C ALA A 42 -0.55 -3.48 -6.78
N ALA A 43 -0.55 -2.20 -6.41
CA ALA A 43 0.24 -1.20 -7.12
C ALA A 43 1.73 -1.39 -6.87
N LEU A 44 2.08 -1.65 -5.61
CA LEU A 44 3.48 -1.85 -5.23
C LEU A 44 4.07 -3.05 -5.95
N SER A 45 3.34 -4.16 -5.94
CA SER A 45 3.81 -5.38 -6.60
C SER A 45 5.16 -5.82 -6.06
N GLY A 46 5.32 -5.72 -4.74
CA GLY A 46 6.57 -6.12 -4.11
C GLY A 46 6.47 -7.44 -3.38
N PRO A 47 6.20 -7.38 -2.07
CA PRO A 47 6.07 -8.58 -1.23
C PRO A 47 4.81 -9.38 -1.57
N SER A 48 4.94 -10.70 -1.56
CA SER A 48 3.82 -11.58 -1.85
C SER A 48 3.12 -11.16 -3.14
N SER A 49 3.92 -10.84 -4.15
CA SER A 49 3.39 -10.42 -5.45
C SER A 49 2.31 -11.38 -5.93
N GLY A 50 1.38 -10.87 -6.75
CA GLY A 50 0.32 -11.69 -7.27
C GLY A 50 0.77 -12.58 -8.41
N GLY A 1 12.47 9.10 3.65
CA GLY A 1 13.34 8.26 4.44
C GLY A 1 14.77 8.24 3.91
N SER A 2 15.73 8.06 4.81
CA SER A 2 17.14 8.03 4.42
C SER A 2 17.67 6.59 4.45
N SER A 3 18.62 6.31 3.56
CA SER A 3 19.20 4.98 3.47
C SER A 3 19.56 4.45 4.86
N GLY A 4 18.94 3.32 5.23
CA GLY A 4 19.21 2.74 6.54
C GLY A 4 18.34 1.52 6.80
N SER A 5 17.08 1.76 7.13
CA SER A 5 16.14 0.68 7.42
C SER A 5 15.14 0.51 6.28
N SER A 6 14.85 -0.75 5.94
CA SER A 6 13.91 -1.05 4.87
C SER A 6 12.81 -1.98 5.36
N GLY A 7 11.76 -2.14 4.55
CA GLY A 7 10.66 -3.01 4.91
C GLY A 7 9.36 -2.24 5.09
N MET A 8 8.25 -2.94 4.92
CA MET A 8 6.93 -2.32 5.06
C MET A 8 5.89 -3.36 5.46
N ASP A 9 4.88 -2.92 6.20
CA ASP A 9 3.81 -3.81 6.64
C ASP A 9 2.44 -3.21 6.35
N VAL A 10 2.03 -3.27 5.09
CA VAL A 10 0.73 -2.74 4.68
C VAL A 10 -0.40 -3.37 5.46
N ARG A 11 -0.21 -4.63 5.87
CA ARG A 11 -1.22 -5.36 6.62
C ARG A 11 -1.53 -4.65 7.94
N ARG A 12 -0.60 -3.80 8.38
CA ARG A 12 -0.78 -3.07 9.63
C ARG A 12 -1.04 -1.59 9.35
N LEU A 13 -0.51 -1.10 8.24
CA LEU A 13 -0.68 0.30 7.86
C LEU A 13 -2.10 0.78 8.15
N LYS A 14 -2.24 1.65 9.14
CA LYS A 14 -3.54 2.18 9.51
C LYS A 14 -4.31 2.63 8.28
N VAL A 15 -5.60 2.93 8.46
CA VAL A 15 -6.46 3.37 7.37
C VAL A 15 -5.92 4.65 6.75
N ASN A 16 -5.44 5.56 7.60
CA ASN A 16 -4.90 6.83 7.14
C ASN A 16 -3.63 6.61 6.30
N GLU A 17 -2.81 5.66 6.72
CA GLU A 17 -1.58 5.36 6.01
C GLU A 17 -1.86 4.84 4.61
N LEU A 18 -2.81 3.92 4.50
CA LEU A 18 -3.18 3.34 3.22
C LEU A 18 -3.76 4.41 2.29
N ARG A 19 -4.61 5.28 2.85
CA ARG A 19 -5.23 6.34 2.08
C ARG A 19 -4.19 7.33 1.57
N GLU A 20 -3.19 7.62 2.41
CA GLU A 20 -2.13 8.55 2.04
C GLU A 20 -1.31 8.01 0.88
N GLU A 21 -0.93 6.74 0.96
CA GLU A 21 -0.15 6.10 -0.09
C GLU A 21 -0.94 6.01 -1.39
N LEU A 22 -2.19 5.56 -1.29
CA LEU A 22 -3.05 5.43 -2.45
C LEU A 22 -3.28 6.78 -3.12
N GLN A 23 -3.49 7.81 -2.31
CA GLN A 23 -3.71 9.16 -2.82
C GLN A 23 -2.50 9.65 -3.61
N ARG A 24 -1.31 9.42 -3.05
CA ARG A 24 -0.07 9.84 -3.69
C ARG A 24 0.09 9.17 -5.06
N ARG A 25 -0.35 7.92 -5.15
CA ARG A 25 -0.25 7.15 -6.38
C ARG A 25 -1.41 7.48 -7.31
N GLY A 26 -2.51 7.99 -6.74
CA GLY A 26 -3.67 8.33 -7.54
C GLY A 26 -4.66 7.19 -7.63
N LEU A 27 -4.56 6.23 -6.72
CA LEU A 27 -5.45 5.08 -6.71
C LEU A 27 -6.66 5.35 -5.81
N ASP A 28 -7.78 4.74 -6.15
CA ASP A 28 -9.01 4.90 -5.37
C ASP A 28 -8.72 4.78 -3.87
N THR A 29 -9.36 5.63 -3.08
CA THR A 29 -9.17 5.61 -1.64
C THR A 29 -10.45 5.23 -0.92
N ARG A 30 -11.32 4.48 -1.61
CA ARG A 30 -12.58 4.05 -1.04
C ARG A 30 -12.51 2.59 -0.61
N GLY A 31 -13.36 2.21 0.35
CA GLY A 31 -13.38 0.84 0.84
C GLY A 31 -12.75 0.71 2.21
N LEU A 32 -13.03 -0.40 2.88
CA LEU A 32 -12.49 -0.66 4.21
C LEU A 32 -10.97 -0.69 4.18
N LYS A 33 -10.35 -0.71 5.36
CA LYS A 33 -8.90 -0.75 5.46
C LYS A 33 -8.32 -1.91 4.67
N ALA A 34 -8.88 -3.10 4.89
CA ALA A 34 -8.42 -4.29 4.19
C ALA A 34 -8.42 -4.09 2.67
N GLU A 35 -9.52 -3.52 2.17
CA GLU A 35 -9.65 -3.27 0.74
C GLU A 35 -8.56 -2.31 0.26
N LEU A 36 -8.33 -1.25 1.03
CA LEU A 36 -7.32 -0.26 0.69
C LEU A 36 -5.91 -0.87 0.73
N ALA A 37 -5.68 -1.71 1.74
CA ALA A 37 -4.38 -2.36 1.89
C ALA A 37 -4.05 -3.23 0.68
N GLU A 38 -5.03 -4.02 0.25
CA GLU A 38 -4.83 -4.91 -0.89
C GLU A 38 -4.57 -4.11 -2.16
N ARG A 39 -5.30 -3.00 -2.31
CA ARG A 39 -5.16 -2.15 -3.48
C ARG A 39 -3.76 -1.53 -3.52
N LEU A 40 -3.29 -1.06 -2.38
CA LEU A 40 -1.97 -0.44 -2.29
C LEU A 40 -0.87 -1.46 -2.57
N GLN A 41 -1.00 -2.65 -1.99
CA GLN A 41 -0.02 -3.71 -2.18
C GLN A 41 0.04 -4.13 -3.65
N ALA A 42 -1.12 -4.25 -4.27
CA ALA A 42 -1.18 -4.64 -5.68
C ALA A 42 -0.36 -3.69 -6.55
N ALA A 43 -0.48 -2.39 -6.29
CA ALA A 43 0.25 -1.40 -7.05
C ALA A 43 1.74 -1.46 -6.75
N LEU A 44 2.07 -1.66 -5.48
CA LEU A 44 3.47 -1.74 -5.06
C LEU A 44 4.19 -2.88 -5.76
N SER A 45 3.56 -4.06 -5.76
CA SER A 45 4.14 -5.23 -6.39
C SER A 45 4.74 -4.88 -7.75
N GLY A 46 6.02 -5.19 -7.92
CA GLY A 46 6.70 -4.89 -9.18
C GLY A 46 5.90 -5.34 -10.38
N PRO A 47 6.05 -4.63 -11.50
CA PRO A 47 5.35 -4.95 -12.75
C PRO A 47 5.86 -6.24 -13.39
N SER A 48 4.93 -7.07 -13.85
CA SER A 48 5.28 -8.33 -14.48
C SER A 48 4.07 -8.95 -15.19
N SER A 49 4.24 -9.27 -16.47
CA SER A 49 3.17 -9.85 -17.26
C SER A 49 3.73 -10.67 -18.41
N GLY A 50 2.83 -11.31 -19.16
CA GLY A 50 3.25 -12.12 -20.30
C GLY A 50 3.06 -13.60 -20.05
N GLY A 1 25.58 -13.82 -3.61
CA GLY A 1 25.13 -12.56 -3.05
C GLY A 1 24.02 -12.75 -2.03
N SER A 2 24.30 -13.51 -0.99
CA SER A 2 23.32 -13.77 0.06
C SER A 2 22.82 -12.46 0.67
N SER A 3 21.56 -12.14 0.43
CA SER A 3 20.96 -10.92 0.94
C SER A 3 19.51 -11.15 1.34
N GLY A 4 18.99 -10.29 2.20
CA GLY A 4 17.61 -10.41 2.64
C GLY A 4 16.86 -9.08 2.59
N SER A 5 15.65 -9.08 3.13
CA SER A 5 14.83 -7.87 3.15
C SER A 5 13.66 -8.01 4.11
N SER A 6 13.26 -6.90 4.71
CA SER A 6 12.16 -6.91 5.67
C SER A 6 10.83 -6.59 4.97
N GLY A 7 10.84 -5.55 4.14
CA GLY A 7 9.64 -5.17 3.43
C GLY A 7 8.76 -4.24 4.24
N MET A 8 7.86 -3.52 3.56
CA MET A 8 6.95 -2.60 4.22
C MET A 8 5.67 -3.31 4.67
N ASP A 9 5.41 -3.27 5.97
CA ASP A 9 4.22 -3.92 6.53
C ASP A 9 2.99 -3.06 6.27
N VAL A 10 2.45 -3.17 5.06
CA VAL A 10 1.26 -2.41 4.68
C VAL A 10 0.05 -2.82 5.52
N ARG A 11 0.08 -4.05 6.01
CA ARG A 11 -1.01 -4.57 6.84
C ARG A 11 -1.01 -3.91 8.21
N ARG A 12 0.15 -3.44 8.63
CA ARG A 12 0.28 -2.78 9.93
C ARG A 12 -0.11 -1.31 9.84
N LEU A 13 0.10 -0.72 8.67
CA LEU A 13 -0.23 0.68 8.44
C LEU A 13 -1.71 0.94 8.75
N LYS A 14 -1.97 2.05 9.44
CA LYS A 14 -3.33 2.42 9.79
C LYS A 14 -4.13 2.79 8.55
N VAL A 15 -5.45 2.81 8.69
CA VAL A 15 -6.34 3.16 7.58
C VAL A 15 -5.97 4.50 6.97
N ASN A 16 -5.53 5.42 7.83
CA ASN A 16 -5.15 6.76 7.37
C ASN A 16 -3.89 6.70 6.51
N GLU A 17 -2.92 5.90 6.93
CA GLU A 17 -1.68 5.75 6.19
C GLU A 17 -1.92 5.10 4.83
N LEU A 18 -2.74 4.06 4.81
CA LEU A 18 -3.06 3.35 3.58
C LEU A 18 -3.76 4.28 2.59
N ARG A 19 -4.64 5.13 3.10
CA ARG A 19 -5.37 6.07 2.26
C ARG A 19 -4.44 7.10 1.64
N GLU A 20 -3.45 7.53 2.43
CA GLU A 20 -2.48 8.52 1.97
C GLU A 20 -1.62 7.95 0.86
N GLU A 21 -1.16 6.72 1.04
CA GLU A 21 -0.31 6.06 0.06
C GLU A 21 -1.04 5.90 -1.27
N LEU A 22 -2.29 5.43 -1.20
CA LEU A 22 -3.10 5.24 -2.40
C LEU A 22 -3.35 6.57 -3.11
N GLN A 23 -3.50 7.63 -2.33
CA GLN A 23 -3.75 8.95 -2.89
C GLN A 23 -2.53 9.45 -3.65
N ARG A 24 -1.35 9.18 -3.11
CA ARG A 24 -0.11 9.61 -3.75
C ARG A 24 0.11 8.86 -5.07
N ARG A 25 -0.45 7.66 -5.16
CA ARG A 25 -0.31 6.85 -6.36
C ARG A 25 -1.53 7.01 -7.26
N GLY A 26 -2.29 8.08 -7.04
CA GLY A 26 -3.48 8.32 -7.85
C GLY A 26 -4.50 7.22 -7.71
N LEU A 27 -4.30 6.34 -6.74
CA LEU A 27 -5.23 5.23 -6.51
C LEU A 27 -6.38 5.66 -5.61
N ASP A 28 -7.56 5.08 -5.85
CA ASP A 28 -8.74 5.41 -5.06
C ASP A 28 -8.50 5.15 -3.58
N THR A 29 -9.18 5.92 -2.73
CA THR A 29 -9.03 5.77 -1.29
C THR A 29 -10.34 5.36 -0.64
N ARG A 30 -11.18 4.65 -1.39
CA ARG A 30 -12.47 4.21 -0.89
C ARG A 30 -12.43 2.71 -0.56
N GLY A 31 -13.50 2.22 0.05
CA GLY A 31 -13.58 0.82 0.41
C GLY A 31 -13.06 0.56 1.82
N LEU A 32 -13.40 -0.61 2.36
CA LEU A 32 -12.97 -0.98 3.70
C LEU A 32 -11.44 -0.99 3.81
N LYS A 33 -10.94 -1.03 5.03
CA LYS A 33 -9.50 -1.05 5.26
C LYS A 33 -8.83 -2.14 4.44
N ALA A 34 -9.41 -3.33 4.45
CA ALA A 34 -8.87 -4.46 3.70
C ALA A 34 -8.75 -4.12 2.22
N GLU A 35 -9.72 -3.38 1.70
CA GLU A 35 -9.73 -2.99 0.29
C GLU A 35 -8.55 -2.06 -0.02
N LEU A 36 -8.22 -1.20 0.95
CA LEU A 36 -7.11 -0.25 0.78
C LEU A 36 -5.78 -0.98 0.76
N ALA A 37 -5.61 -1.92 1.69
CA ALA A 37 -4.37 -2.69 1.78
C ALA A 37 -4.12 -3.48 0.50
N GLU A 38 -5.15 -4.16 0.02
CA GLU A 38 -5.04 -4.95 -1.20
C GLU A 38 -4.75 -4.06 -2.41
N ARG A 39 -5.41 -2.90 -2.46
CA ARG A 39 -5.22 -1.96 -3.55
C ARG A 39 -3.76 -1.51 -3.63
N LEU A 40 -3.25 -1.00 -2.52
CA LEU A 40 -1.87 -0.53 -2.47
C LEU A 40 -0.90 -1.66 -2.78
N GLN A 41 -1.14 -2.83 -2.18
CA GLN A 41 -0.28 -3.98 -2.40
C GLN A 41 -0.23 -4.36 -3.87
N ALA A 42 -1.39 -4.32 -4.53
CA ALA A 42 -1.48 -4.66 -5.94
C ALA A 42 -0.59 -3.75 -6.78
N ALA A 43 -0.55 -2.47 -6.43
CA ALA A 43 0.27 -1.51 -7.16
C ALA A 43 1.75 -1.71 -6.85
N LEU A 44 2.05 -1.97 -5.59
CA LEU A 44 3.43 -2.18 -5.16
C LEU A 44 4.02 -3.41 -5.82
N SER A 45 3.25 -4.50 -5.85
CA SER A 45 3.70 -5.74 -6.45
C SER A 45 4.27 -5.50 -7.84
N GLY A 46 5.56 -5.78 -8.00
CA GLY A 46 6.21 -5.58 -9.29
C GLY A 46 5.49 -6.29 -10.42
N PRO A 47 5.76 -5.86 -11.66
CA PRO A 47 5.14 -6.44 -12.85
C PRO A 47 5.62 -7.85 -13.12
N SER A 48 4.89 -8.83 -12.63
CA SER A 48 5.25 -10.23 -12.82
C SER A 48 5.47 -10.55 -14.29
N SER A 49 6.31 -11.55 -14.57
CA SER A 49 6.60 -11.94 -15.94
C SER A 49 5.65 -13.03 -16.41
N GLY A 50 5.53 -14.08 -15.61
CA GLY A 50 4.65 -15.18 -15.96
C GLY A 50 3.89 -15.72 -14.77
N GLY A 1 24.38 9.51 3.56
CA GLY A 1 23.45 8.99 4.54
C GLY A 1 22.53 7.93 3.97
N SER A 2 22.79 6.68 4.30
CA SER A 2 21.98 5.56 3.81
C SER A 2 20.52 5.74 4.21
N SER A 3 19.62 5.42 3.29
CA SER A 3 18.19 5.56 3.55
C SER A 3 17.40 4.52 2.74
N GLY A 4 16.91 3.50 3.43
CA GLY A 4 16.14 2.46 2.77
C GLY A 4 15.65 1.40 3.74
N SER A 5 14.53 1.67 4.40
CA SER A 5 13.96 0.73 5.35
C SER A 5 13.78 -0.65 4.73
N SER A 6 13.96 -1.68 5.54
CA SER A 6 13.83 -3.06 5.07
C SER A 6 12.39 -3.54 5.21
N GLY A 7 12.01 -4.49 4.35
CA GLY A 7 10.66 -5.02 4.39
C GLY A 7 9.61 -3.94 4.35
N MET A 8 8.35 -4.34 4.48
CA MET A 8 7.24 -3.39 4.46
C MET A 8 5.93 -4.08 4.82
N ASP A 9 5.36 -3.68 5.96
CA ASP A 9 4.09 -4.26 6.41
C ASP A 9 2.92 -3.36 6.04
N VAL A 10 2.41 -3.55 4.83
CA VAL A 10 1.28 -2.76 4.35
C VAL A 10 0.07 -2.92 5.26
N ARG A 11 -0.11 -4.13 5.79
CA ARG A 11 -1.23 -4.42 6.68
C ARG A 11 -1.09 -3.65 7.98
N ARG A 12 0.14 -3.51 8.46
CA ARG A 12 0.40 -2.81 9.71
C ARG A 12 0.05 -1.32 9.58
N LEU A 13 0.10 -0.81 8.35
CA LEU A 13 -0.21 0.59 8.10
C LEU A 13 -1.67 0.89 8.42
N LYS A 14 -1.89 1.87 9.29
CA LYS A 14 -3.25 2.25 9.69
C LYS A 14 -4.07 2.67 8.46
N VAL A 15 -5.37 2.80 8.66
CA VAL A 15 -6.27 3.20 7.58
C VAL A 15 -5.85 4.53 6.98
N ASN A 16 -5.42 5.45 7.84
CA ASN A 16 -5.00 6.78 7.40
C ASN A 16 -3.73 6.68 6.55
N GLU A 17 -2.80 5.82 6.97
CA GLU A 17 -1.56 5.64 6.25
C GLU A 17 -1.81 5.08 4.85
N LEU A 18 -2.67 4.08 4.77
CA LEU A 18 -3.01 3.45 3.51
C LEU A 18 -3.70 4.43 2.57
N ARG A 19 -4.59 5.25 3.13
CA ARG A 19 -5.32 6.24 2.36
C ARG A 19 -4.37 7.30 1.80
N GLU A 20 -3.40 7.70 2.61
CA GLU A 20 -2.44 8.71 2.22
C GLU A 20 -1.55 8.20 1.08
N GLU A 21 -1.08 6.97 1.22
CA GLU A 21 -0.22 6.36 0.21
C GLU A 21 -0.98 6.18 -1.10
N LEU A 22 -2.17 5.60 -1.02
CA LEU A 22 -2.99 5.36 -2.19
C LEU A 22 -3.23 6.67 -2.96
N GLN A 23 -3.41 7.75 -2.23
CA GLN A 23 -3.64 9.06 -2.84
C GLN A 23 -2.42 9.50 -3.64
N ARG A 24 -1.24 9.20 -3.14
CA ARG A 24 0.00 9.57 -3.81
C ARG A 24 0.19 8.77 -5.09
N ARG A 25 -0.43 7.59 -5.14
CA ARG A 25 -0.33 6.72 -6.31
C ARG A 25 -1.53 6.91 -7.23
N GLY A 26 -2.30 7.98 -6.99
CA GLY A 26 -3.47 8.24 -7.80
C GLY A 26 -4.46 7.09 -7.79
N LEU A 27 -4.50 6.35 -6.69
CA LEU A 27 -5.41 5.22 -6.56
C LEU A 27 -6.63 5.59 -5.72
N ASP A 28 -7.76 4.96 -6.01
CA ASP A 28 -8.99 5.23 -5.28
C ASP A 28 -8.79 4.99 -3.79
N THR A 29 -9.36 5.88 -2.97
CA THR A 29 -9.24 5.76 -1.52
C THR A 29 -10.57 5.39 -0.89
N ARG A 30 -11.39 4.65 -1.63
CA ARG A 30 -12.69 4.23 -1.14
C ARG A 30 -12.73 2.71 -0.92
N GLY A 31 -13.40 2.29 0.15
CA GLY A 31 -13.50 0.88 0.45
C GLY A 31 -12.96 0.54 1.82
N LEU A 32 -13.39 -0.60 2.36
CA LEU A 32 -12.95 -1.03 3.69
C LEU A 32 -11.43 -1.03 3.78
N LYS A 33 -10.91 -1.08 5.01
CA LYS A 33 -9.48 -1.08 5.24
C LYS A 33 -8.80 -2.16 4.41
N ALA A 34 -9.32 -3.38 4.49
CA ALA A 34 -8.76 -4.51 3.75
C ALA A 34 -8.70 -4.20 2.25
N GLU A 35 -9.74 -3.54 1.74
CA GLU A 35 -9.80 -3.19 0.34
C GLU A 35 -8.68 -2.23 -0.03
N LEU A 36 -8.42 -1.26 0.83
CA LEU A 36 -7.37 -0.28 0.60
C LEU A 36 -5.99 -0.93 0.67
N ALA A 37 -5.81 -1.78 1.68
CA ALA A 37 -4.53 -2.47 1.87
C ALA A 37 -4.18 -3.32 0.65
N GLU A 38 -5.15 -4.10 0.19
CA GLU A 38 -4.95 -4.96 -0.98
C GLU A 38 -4.68 -4.13 -2.23
N ARG A 39 -5.38 -3.01 -2.35
CA ARG A 39 -5.22 -2.13 -3.50
C ARG A 39 -3.82 -1.55 -3.55
N LEU A 40 -3.35 -1.07 -2.42
CA LEU A 40 -2.01 -0.48 -2.32
C LEU A 40 -0.93 -1.53 -2.57
N GLN A 41 -1.11 -2.70 -1.96
CA GLN A 41 -0.16 -3.79 -2.12
C GLN A 41 -0.09 -4.26 -3.57
N ALA A 42 -1.25 -4.32 -4.22
CA ALA A 42 -1.33 -4.74 -5.61
C ALA A 42 -0.47 -3.86 -6.51
N ALA A 43 -0.55 -2.55 -6.28
CA ALA A 43 0.23 -1.60 -7.06
C ALA A 43 1.72 -1.74 -6.80
N LEU A 44 2.07 -1.93 -5.54
CA LEU A 44 3.47 -2.09 -5.14
C LEU A 44 4.05 -3.37 -5.72
N SER A 45 3.29 -4.46 -5.63
CA SER A 45 3.74 -5.76 -6.14
C SER A 45 3.75 -5.76 -7.66
N GLY A 46 4.46 -6.72 -8.25
CA GLY A 46 4.54 -6.81 -9.69
C GLY A 46 3.43 -7.67 -10.28
N PRO A 47 3.67 -8.19 -11.49
CA PRO A 47 2.69 -9.03 -12.19
C PRO A 47 2.53 -10.40 -11.53
N SER A 48 1.45 -10.56 -10.77
CA SER A 48 1.19 -11.82 -10.08
C SER A 48 0.14 -12.64 -10.84
N SER A 49 0.20 -13.95 -10.66
CA SER A 49 -0.73 -14.85 -11.33
C SER A 49 -1.72 -15.46 -10.34
N GLY A 50 -1.18 -16.00 -9.24
CA GLY A 50 -2.03 -16.60 -8.22
C GLY A 50 -1.37 -17.80 -7.56
N GLY A 1 22.75 -0.12 -1.59
CA GLY A 1 23.64 0.12 -0.47
C GLY A 1 22.91 0.64 0.75
N SER A 2 22.61 1.94 0.75
CA SER A 2 21.92 2.57 1.87
C SER A 2 20.54 1.94 2.06
N SER A 3 19.70 2.06 1.05
CA SER A 3 18.35 1.51 1.10
C SER A 3 18.36 0.00 0.86
N GLY A 4 18.29 -0.77 1.93
CA GLY A 4 18.29 -2.22 1.81
C GLY A 4 17.26 -2.88 2.69
N SER A 5 16.22 -3.43 2.06
CA SER A 5 15.15 -4.09 2.80
C SER A 5 14.23 -4.86 1.86
N SER A 6 13.97 -6.12 2.18
CA SER A 6 13.11 -6.96 1.37
C SER A 6 11.78 -7.24 2.07
N GLY A 7 10.69 -6.74 1.50
CA GLY A 7 9.39 -6.94 2.09
C GLY A 7 8.88 -5.71 2.83
N MET A 8 7.56 -5.55 2.86
CA MET A 8 6.95 -4.40 3.54
C MET A 8 5.61 -4.79 4.14
N ASP A 9 5.38 -4.38 5.39
CA ASP A 9 4.14 -4.69 6.08
C ASP A 9 3.11 -3.57 5.86
N VAL A 10 2.28 -3.74 4.85
CA VAL A 10 1.25 -2.76 4.53
C VAL A 10 0.12 -2.79 5.55
N ARG A 11 -0.09 -3.96 6.15
CA ARG A 11 -1.14 -4.13 7.15
C ARG A 11 -0.89 -3.23 8.36
N ARG A 12 0.33 -3.30 8.89
CA ARG A 12 0.70 -2.49 10.05
C ARG A 12 0.29 -1.03 9.85
N LEU A 13 0.26 -0.59 8.60
CA LEU A 13 -0.11 0.78 8.27
C LEU A 13 -1.60 1.02 8.55
N LYS A 14 -1.88 1.94 9.47
CA LYS A 14 -3.26 2.26 9.82
C LYS A 14 -4.05 2.65 8.57
N VAL A 15 -5.37 2.71 8.72
CA VAL A 15 -6.25 3.08 7.62
C VAL A 15 -5.84 4.42 7.02
N ASN A 16 -5.50 5.36 7.88
CA ASN A 16 -5.09 6.70 7.44
C ASN A 16 -3.82 6.63 6.60
N GLU A 17 -2.87 5.80 7.04
CA GLU A 17 -1.61 5.64 6.32
C GLU A 17 -1.83 5.04 4.94
N LEU A 18 -2.69 4.03 4.88
CA LEU A 18 -3.00 3.36 3.62
C LEU A 18 -3.63 4.34 2.63
N ARG A 19 -4.52 5.19 3.13
CA ARG A 19 -5.19 6.17 2.29
C ARG A 19 -4.20 7.17 1.71
N GLU A 20 -3.22 7.55 2.52
CA GLU A 20 -2.20 8.50 2.10
C GLU A 20 -1.36 7.93 0.95
N GLU A 21 -0.95 6.67 1.10
CA GLU A 21 -0.14 6.02 0.08
C GLU A 21 -0.94 5.81 -1.20
N LEU A 22 -2.20 5.43 -1.05
CA LEU A 22 -3.07 5.20 -2.20
C LEU A 22 -3.34 6.51 -2.94
N GLN A 23 -3.50 7.59 -2.20
CA GLN A 23 -3.76 8.90 -2.79
C GLN A 23 -2.56 9.38 -3.58
N ARG A 24 -1.36 9.10 -3.07
CA ARG A 24 -0.13 9.51 -3.73
C ARG A 24 0.02 8.83 -5.08
N ARG A 25 -0.39 7.56 -5.14
CA ARG A 25 -0.31 6.78 -6.38
C ARG A 25 -1.55 7.00 -7.24
N GLY A 26 -2.23 8.11 -7.02
CA GLY A 26 -3.43 8.42 -7.78
C GLY A 26 -4.44 7.29 -7.74
N LEU A 27 -4.39 6.49 -6.67
CA LEU A 27 -5.31 5.37 -6.52
C LEU A 27 -6.52 5.76 -5.68
N ASP A 28 -7.65 5.13 -5.97
CA ASP A 28 -8.89 5.41 -5.24
C ASP A 28 -8.74 5.05 -3.76
N THR A 29 -9.36 5.85 -2.89
CA THR A 29 -9.30 5.62 -1.46
C THR A 29 -10.65 5.20 -0.92
N ARG A 30 -11.42 4.49 -1.74
CA ARG A 30 -12.74 4.02 -1.33
C ARG A 30 -12.70 2.56 -0.91
N GLY A 31 -13.65 2.16 -0.07
CA GLY A 31 -13.70 0.79 0.40
C GLY A 31 -13.19 0.65 1.83
N LEU A 32 -13.34 -0.54 2.39
CA LEU A 32 -12.88 -0.81 3.74
C LEU A 32 -11.36 -0.85 3.82
N LYS A 33 -10.84 -1.02 5.02
CA LYS A 33 -9.39 -1.08 5.24
C LYS A 33 -8.77 -2.18 4.39
N ALA A 34 -9.34 -3.38 4.46
CA ALA A 34 -8.84 -4.52 3.69
C ALA A 34 -8.79 -4.19 2.20
N GLU A 35 -9.83 -3.54 1.71
CA GLU A 35 -9.90 -3.17 0.30
C GLU A 35 -8.76 -2.24 -0.07
N LEU A 36 -8.48 -1.28 0.80
CA LEU A 36 -7.41 -0.31 0.57
C LEU A 36 -6.04 -0.98 0.63
N ALA A 37 -5.88 -1.89 1.60
CA ALA A 37 -4.62 -2.60 1.76
C ALA A 37 -4.27 -3.38 0.51
N GLU A 38 -5.25 -4.09 -0.05
CA GLU A 38 -5.03 -4.88 -1.25
C GLU A 38 -4.73 -3.98 -2.44
N ARG A 39 -5.49 -2.90 -2.58
CA ARG A 39 -5.30 -1.96 -3.68
C ARG A 39 -3.86 -1.45 -3.71
N LEU A 40 -3.37 -1.00 -2.56
CA LEU A 40 -2.01 -0.48 -2.45
C LEU A 40 -0.99 -1.58 -2.71
N GLN A 41 -1.22 -2.75 -2.13
CA GLN A 41 -0.32 -3.88 -2.31
C GLN A 41 -0.19 -4.26 -3.77
N ALA A 42 -1.32 -4.31 -4.47
CA ALA A 42 -1.34 -4.65 -5.88
C ALA A 42 -0.44 -3.72 -6.69
N ALA A 43 -0.49 -2.43 -6.37
CA ALA A 43 0.31 -1.44 -7.06
C ALA A 43 1.80 -1.64 -6.76
N LEU A 44 2.12 -1.97 -5.52
CA LEU A 44 3.49 -2.20 -5.10
C LEU A 44 4.10 -3.37 -5.87
N SER A 45 3.35 -4.45 -5.97
CA SER A 45 3.82 -5.64 -6.68
C SER A 45 2.90 -5.99 -7.85
N GLY A 46 3.45 -5.96 -9.05
CA GLY A 46 2.65 -6.26 -10.24
C GLY A 46 2.91 -7.68 -10.75
N PRO A 47 2.04 -8.14 -11.66
CA PRO A 47 2.15 -9.47 -12.25
C PRO A 47 3.36 -9.60 -13.17
N SER A 48 4.33 -10.42 -12.77
CA SER A 48 5.53 -10.62 -13.56
C SER A 48 5.31 -11.68 -14.63
N SER A 49 4.82 -11.22 -15.79
CA SER A 49 4.55 -12.11 -16.91
C SER A 49 5.62 -13.20 -17.01
N GLY A 50 6.88 -12.78 -16.90
CA GLY A 50 7.98 -13.73 -16.98
C GLY A 50 9.25 -13.19 -16.34
N GLY A 1 16.92 10.81 4.69
CA GLY A 1 16.37 10.11 3.55
C GLY A 1 16.31 8.60 3.76
N SER A 2 15.26 7.98 3.22
CA SER A 2 15.09 6.54 3.35
C SER A 2 15.58 5.81 2.11
N SER A 3 16.51 4.87 2.31
CA SER A 3 17.07 4.11 1.21
C SER A 3 15.98 3.37 0.45
N GLY A 4 15.14 2.64 1.18
CA GLY A 4 14.05 1.90 0.56
C GLY A 4 14.05 0.44 0.95
N SER A 5 13.04 0.04 1.71
CA SER A 5 12.92 -1.35 2.16
C SER A 5 12.31 -2.22 1.07
N SER A 6 12.45 -3.53 1.24
CA SER A 6 11.91 -4.49 0.27
C SER A 6 10.54 -5.00 0.71
N GLY A 7 9.49 -4.36 0.23
CA GLY A 7 8.14 -4.76 0.59
C GLY A 7 7.69 -4.18 1.91
N MET A 8 6.91 -3.10 1.85
CA MET A 8 6.41 -2.46 3.06
C MET A 8 5.18 -3.18 3.59
N ASP A 9 5.21 -3.51 4.88
CA ASP A 9 4.09 -4.21 5.51
C ASP A 9 2.83 -3.37 5.46
N VAL A 10 1.98 -3.66 4.47
CA VAL A 10 0.72 -2.93 4.31
C VAL A 10 -0.24 -3.20 5.46
N ARG A 11 -0.16 -4.42 5.99
CA ARG A 11 -1.03 -4.82 7.10
C ARG A 11 -0.78 -3.94 8.33
N ARG A 12 0.43 -3.42 8.44
CA ARG A 12 0.80 -2.57 9.56
C ARG A 12 0.41 -1.12 9.29
N LEU A 13 -0.03 -0.85 8.06
CA LEU A 13 -0.44 0.50 7.67
C LEU A 13 -1.91 0.74 7.96
N LYS A 14 -2.19 1.60 8.94
CA LYS A 14 -3.57 1.92 9.31
C LYS A 14 -4.32 2.51 8.12
N VAL A 15 -5.62 2.77 8.32
CA VAL A 15 -6.46 3.34 7.28
C VAL A 15 -5.91 4.67 6.80
N ASN A 16 -5.40 5.46 7.74
CA ASN A 16 -4.85 6.77 7.43
C ASN A 16 -3.63 6.65 6.52
N GLU A 17 -2.77 5.68 6.81
CA GLU A 17 -1.57 5.46 6.02
C GLU A 17 -1.93 4.92 4.63
N LEU A 18 -2.89 4.00 4.59
CA LEU A 18 -3.33 3.42 3.33
C LEU A 18 -3.96 4.47 2.42
N ARG A 19 -4.82 5.31 2.99
CA ARG A 19 -5.48 6.36 2.25
C ARG A 19 -4.47 7.37 1.71
N GLU A 20 -3.50 7.74 2.55
CA GLU A 20 -2.48 8.70 2.17
C GLU A 20 -1.56 8.12 1.09
N GLU A 21 -1.15 6.87 1.28
CA GLU A 21 -0.27 6.19 0.33
C GLU A 21 -0.97 6.04 -1.02
N LEU A 22 -2.22 5.61 -0.99
CA LEU A 22 -3.00 5.41 -2.22
C LEU A 22 -3.19 6.73 -2.96
N GLN A 23 -3.40 7.81 -2.19
CA GLN A 23 -3.60 9.13 -2.77
C GLN A 23 -2.38 9.56 -3.57
N ARG A 24 -1.20 9.19 -3.08
CA ARG A 24 0.05 9.55 -3.75
C ARG A 24 0.19 8.80 -5.07
N ARG A 25 -0.29 7.55 -5.10
CA ARG A 25 -0.22 6.74 -6.30
C ARG A 25 -1.45 6.94 -7.17
N GLY A 26 -2.14 8.05 -6.96
CA GLY A 26 -3.33 8.34 -7.74
C GLY A 26 -4.36 7.23 -7.68
N LEU A 27 -4.28 6.41 -6.63
CA LEU A 27 -5.20 5.30 -6.46
C LEU A 27 -6.43 5.73 -5.66
N ASP A 28 -7.57 5.10 -5.93
CA ASP A 28 -8.81 5.42 -5.24
C ASP A 28 -8.70 5.09 -3.75
N THR A 29 -9.29 5.94 -2.92
CA THR A 29 -9.25 5.76 -1.48
C THR A 29 -10.60 5.25 -0.95
N ARG A 30 -11.27 4.43 -1.74
CA ARG A 30 -12.57 3.89 -1.36
C ARG A 30 -12.43 2.45 -0.90
N GLY A 31 -13.47 1.94 -0.24
CA GLY A 31 -13.45 0.57 0.25
C GLY A 31 -13.03 0.48 1.71
N LEU A 32 -13.29 -0.67 2.32
CA LEU A 32 -12.93 -0.87 3.72
C LEU A 32 -11.42 -0.79 3.92
N LYS A 33 -11.00 -0.77 5.19
CA LYS A 33 -9.57 -0.69 5.51
C LYS A 33 -8.80 -1.82 4.84
N ALA A 34 -9.25 -3.06 5.05
CA ALA A 34 -8.60 -4.22 4.47
C ALA A 34 -8.54 -4.11 2.94
N GLU A 35 -9.63 -3.62 2.35
CA GLU A 35 -9.70 -3.47 0.90
C GLU A 35 -8.64 -2.49 0.40
N LEU A 36 -8.50 -1.36 1.11
CA LEU A 36 -7.53 -0.35 0.74
C LEU A 36 -6.11 -0.90 0.78
N ALA A 37 -5.85 -1.80 1.73
CA ALA A 37 -4.54 -2.41 1.86
C ALA A 37 -4.20 -3.25 0.65
N GLU A 38 -5.17 -4.04 0.18
CA GLU A 38 -4.97 -4.91 -0.97
C GLU A 38 -4.68 -4.08 -2.22
N ARG A 39 -5.37 -2.94 -2.35
CA ARG A 39 -5.19 -2.06 -3.50
C ARG A 39 -3.77 -1.50 -3.53
N LEU A 40 -3.30 -1.04 -2.38
CA LEU A 40 -1.96 -0.47 -2.27
C LEU A 40 -0.90 -1.52 -2.57
N GLN A 41 -1.06 -2.70 -2.00
CA GLN A 41 -0.11 -3.79 -2.21
C GLN A 41 -0.07 -4.19 -3.68
N ALA A 42 -1.24 -4.20 -4.33
CA ALA A 42 -1.32 -4.57 -5.73
C ALA A 42 -0.47 -3.65 -6.60
N ALA A 43 -0.53 -2.35 -6.31
CA ALA A 43 0.23 -1.36 -7.05
C ALA A 43 1.74 -1.56 -6.85
N LEU A 44 2.12 -1.91 -5.62
CA LEU A 44 3.53 -2.13 -5.29
C LEU A 44 4.07 -3.35 -6.03
N SER A 45 3.21 -4.35 -6.23
CA SER A 45 3.61 -5.57 -6.92
C SER A 45 5.01 -6.01 -6.49
N GLY A 46 5.24 -6.01 -5.18
CA GLY A 46 6.53 -6.41 -4.66
C GLY A 46 6.50 -7.78 -4.00
N PRO A 47 6.29 -7.79 -2.68
CA PRO A 47 6.23 -9.02 -1.89
C PRO A 47 4.98 -9.85 -2.21
N SER A 48 5.02 -11.14 -1.88
CA SER A 48 3.90 -12.03 -2.11
C SER A 48 2.91 -11.98 -0.97
N SER A 49 1.70 -12.49 -1.22
CA SER A 49 0.65 -12.50 -0.21
C SER A 49 -0.03 -13.86 -0.14
N GLY A 50 -0.47 -14.25 1.05
CA GLY A 50 -1.13 -15.53 1.23
C GLY A 50 -0.20 -16.58 1.78
N GLY A 1 18.47 -3.03 12.14
CA GLY A 1 17.12 -3.03 12.68
C GLY A 1 16.29 -1.89 12.12
N SER A 2 16.60 -0.67 12.53
CA SER A 2 15.87 0.51 12.08
C SER A 2 16.64 1.24 10.97
N SER A 3 17.94 1.43 11.20
CA SER A 3 18.79 2.11 10.23
C SER A 3 18.57 1.57 8.82
N GLY A 4 18.34 0.25 8.74
CA GLY A 4 18.11 -0.37 7.45
C GLY A 4 16.73 -0.97 7.33
N SER A 5 15.72 -0.12 7.27
CA SER A 5 14.34 -0.57 7.16
C SER A 5 14.08 -1.19 5.79
N SER A 6 13.65 -2.44 5.78
CA SER A 6 13.36 -3.14 4.53
C SER A 6 12.11 -4.00 4.67
N GLY A 7 11.53 -4.38 3.53
CA GLY A 7 10.34 -5.20 3.54
C GLY A 7 9.23 -4.59 4.37
N MET A 8 8.53 -3.62 3.80
CA MET A 8 7.44 -2.96 4.50
C MET A 8 6.19 -3.85 4.55
N ASP A 9 5.44 -3.74 5.63
CA ASP A 9 4.24 -4.54 5.80
C ASP A 9 2.99 -3.66 5.75
N VAL A 10 2.34 -3.64 4.59
CA VAL A 10 1.14 -2.84 4.41
C VAL A 10 0.12 -3.12 5.52
N ARG A 11 0.02 -4.38 5.92
CA ARG A 11 -0.92 -4.77 6.97
C ARG A 11 -0.69 -3.96 8.23
N ARG A 12 0.53 -3.46 8.40
CA ARG A 12 0.88 -2.67 9.58
C ARG A 12 0.60 -1.19 9.33
N LEU A 13 -0.23 -0.90 8.33
CA LEU A 13 -0.58 0.47 7.99
C LEU A 13 -2.07 0.73 8.21
N LYS A 14 -2.38 1.63 9.13
CA LYS A 14 -3.77 1.96 9.44
C LYS A 14 -4.47 2.55 8.22
N VAL A 15 -5.78 2.72 8.32
CA VAL A 15 -6.56 3.27 7.23
C VAL A 15 -6.01 4.62 6.77
N ASN A 16 -5.70 5.48 7.74
CA ASN A 16 -5.17 6.80 7.45
C ASN A 16 -3.86 6.70 6.67
N GLU A 17 -3.02 5.75 7.06
CA GLU A 17 -1.74 5.54 6.39
C GLU A 17 -1.93 5.02 4.98
N LEU A 18 -2.89 4.11 4.82
CA LEU A 18 -3.18 3.53 3.51
C LEU A 18 -3.77 4.57 2.57
N ARG A 19 -4.70 5.36 3.09
CA ARG A 19 -5.35 6.40 2.29
C ARG A 19 -4.31 7.37 1.73
N GLU A 20 -3.35 7.75 2.57
CA GLU A 20 -2.30 8.68 2.14
C GLU A 20 -1.42 8.06 1.06
N GLU A 21 -1.11 6.78 1.23
CA GLU A 21 -0.27 6.07 0.28
C GLU A 21 -0.99 5.91 -1.06
N LEU A 22 -2.22 5.43 -1.01
CA LEU A 22 -3.02 5.23 -2.22
C LEU A 22 -3.20 6.54 -2.97
N GLN A 23 -3.33 7.63 -2.23
CA GLN A 23 -3.51 8.95 -2.83
C GLN A 23 -2.30 9.33 -3.66
N ARG A 24 -1.11 9.01 -3.16
CA ARG A 24 0.14 9.32 -3.86
C ARG A 24 0.18 8.66 -5.23
N ARG A 25 -0.26 7.41 -5.28
CA ARG A 25 -0.28 6.65 -6.54
C ARG A 25 -1.54 6.95 -7.33
N GLY A 26 -2.27 7.98 -6.90
CA GLY A 26 -3.50 8.35 -7.60
C GLY A 26 -4.52 7.23 -7.59
N LEU A 27 -4.44 6.35 -6.61
CA LEU A 27 -5.36 5.24 -6.49
C LEU A 27 -6.58 5.62 -5.65
N ASP A 28 -7.74 5.09 -6.02
CA ASP A 28 -8.98 5.37 -5.30
C ASP A 28 -8.79 5.14 -3.79
N THR A 29 -9.36 6.02 -3.00
CA THR A 29 -9.26 5.93 -1.54
C THR A 29 -10.57 5.44 -0.94
N ARG A 30 -11.28 4.59 -1.66
CA ARG A 30 -12.55 4.05 -1.18
C ARG A 30 -12.40 2.58 -0.78
N GLY A 31 -13.47 2.01 -0.21
CA GLY A 31 -13.44 0.63 0.20
C GLY A 31 -13.02 0.47 1.65
N LEU A 32 -13.36 -0.67 2.23
CA LEU A 32 -13.03 -0.96 3.63
C LEU A 32 -11.52 -0.83 3.86
N LYS A 33 -11.11 -0.95 5.12
CA LYS A 33 -9.70 -0.85 5.47
C LYS A 33 -8.89 -1.93 4.77
N ALA A 34 -9.32 -3.18 4.90
CA ALA A 34 -8.63 -4.30 4.28
C ALA A 34 -8.50 -4.09 2.77
N GLU A 35 -9.56 -3.55 2.16
CA GLU A 35 -9.56 -3.30 0.72
C GLU A 35 -8.48 -2.31 0.34
N LEU A 36 -8.30 -1.27 1.16
CA LEU A 36 -7.29 -0.25 0.90
C LEU A 36 -5.90 -0.85 0.90
N ALA A 37 -5.64 -1.75 1.85
CA ALA A 37 -4.35 -2.41 1.95
C ALA A 37 -4.05 -3.23 0.69
N GLU A 38 -5.06 -3.94 0.21
CA GLU A 38 -4.90 -4.77 -0.98
C GLU A 38 -4.67 -3.91 -2.21
N ARG A 39 -5.36 -2.77 -2.28
CA ARG A 39 -5.22 -1.87 -3.41
C ARG A 39 -3.78 -1.37 -3.54
N LEU A 40 -3.27 -0.79 -2.46
CA LEU A 40 -1.90 -0.27 -2.45
C LEU A 40 -0.89 -1.39 -2.73
N GLN A 41 -1.09 -2.53 -2.08
CA GLN A 41 -0.20 -3.67 -2.26
C GLN A 41 -0.17 -4.12 -3.73
N ALA A 42 -1.34 -4.13 -4.35
CA ALA A 42 -1.46 -4.53 -5.75
C ALA A 42 -0.54 -3.69 -6.64
N ALA A 43 -0.55 -2.38 -6.41
CA ALA A 43 0.28 -1.46 -7.19
C ALA A 43 1.76 -1.75 -6.98
N LEU A 44 2.13 -2.06 -5.73
CA LEU A 44 3.52 -2.35 -5.40
C LEU A 44 4.00 -3.60 -6.12
N SER A 45 3.22 -4.66 -6.05
CA SER A 45 3.57 -5.93 -6.70
C SER A 45 4.89 -6.47 -6.14
N GLY A 46 4.99 -6.52 -4.82
CA GLY A 46 6.19 -7.03 -4.19
C GLY A 46 5.93 -8.26 -3.36
N PRO A 47 5.72 -8.08 -2.05
CA PRO A 47 5.46 -9.18 -1.11
C PRO A 47 4.10 -9.82 -1.34
N SER A 48 4.10 -11.12 -1.60
CA SER A 48 2.86 -11.86 -1.85
C SER A 48 2.36 -12.52 -0.57
N SER A 49 2.59 -11.85 0.56
CA SER A 49 2.18 -12.39 1.85
C SER A 49 0.76 -11.93 2.20
N GLY A 50 0.53 -10.63 2.11
CA GLY A 50 -0.78 -10.08 2.41
C GLY A 50 -1.46 -9.50 1.19
N GLY A 1 26.66 2.69 4.26
CA GLY A 1 27.15 1.36 4.50
C GLY A 1 26.25 0.29 3.93
N SER A 2 26.33 -0.92 4.47
CA SER A 2 25.52 -2.03 4.00
C SER A 2 24.40 -2.35 4.99
N SER A 3 23.17 -2.29 4.51
CA SER A 3 22.00 -2.57 5.35
C SER A 3 21.37 -3.90 4.98
N GLY A 4 20.85 -4.61 5.98
CA GLY A 4 20.21 -5.89 5.73
C GLY A 4 18.93 -5.76 4.92
N SER A 5 17.94 -6.57 5.27
CA SER A 5 16.66 -6.55 4.57
C SER A 5 15.73 -5.49 5.17
N SER A 6 14.82 -4.98 4.35
CA SER A 6 13.88 -3.96 4.79
C SER A 6 12.55 -4.11 4.06
N GLY A 7 11.45 -4.03 4.82
CA GLY A 7 10.13 -4.16 4.24
C GLY A 7 9.08 -3.42 5.03
N MET A 8 8.07 -2.88 4.34
CA MET A 8 7.00 -2.14 4.99
C MET A 8 5.77 -3.02 5.15
N ASP A 9 5.22 -3.04 6.36
CA ASP A 9 4.03 -3.84 6.66
C ASP A 9 2.76 -3.06 6.33
N VAL A 10 2.28 -3.21 5.11
CA VAL A 10 1.07 -2.53 4.67
C VAL A 10 -0.15 -2.99 5.47
N ARG A 11 -0.13 -4.26 5.89
CA ARG A 11 -1.23 -4.82 6.66
C ARG A 11 -1.26 -4.23 8.06
N ARG A 12 -0.17 -3.59 8.45
CA ARG A 12 -0.08 -2.98 9.78
C ARG A 12 -0.42 -1.49 9.72
N LEU A 13 -0.14 -0.87 8.58
CA LEU A 13 -0.41 0.55 8.38
C LEU A 13 -1.88 0.86 8.67
N LYS A 14 -2.11 1.93 9.41
CA LYS A 14 -3.47 2.36 9.75
C LYS A 14 -4.24 2.74 8.50
N VAL A 15 -5.56 2.91 8.65
CA VAL A 15 -6.41 3.28 7.53
C VAL A 15 -5.98 4.61 6.92
N ASN A 16 -5.59 5.55 7.78
CA ASN A 16 -5.15 6.86 7.32
C ASN A 16 -3.83 6.76 6.55
N GLU A 17 -2.94 5.90 7.03
CA GLU A 17 -1.65 5.72 6.38
C GLU A 17 -1.82 5.12 4.98
N LEU A 18 -2.66 4.11 4.87
CA LEU A 18 -2.93 3.45 3.60
C LEU A 18 -3.60 4.42 2.62
N ARG A 19 -4.54 5.21 3.13
CA ARG A 19 -5.25 6.18 2.30
C ARG A 19 -4.28 7.16 1.65
N GLU A 20 -3.29 7.60 2.42
CA GLU A 20 -2.30 8.55 1.91
C GLU A 20 -1.47 7.91 0.79
N GLU A 21 -1.03 6.69 1.01
CA GLU A 21 -0.23 5.98 0.03
C GLU A 21 -1.01 5.77 -1.27
N LEU A 22 -2.28 5.41 -1.14
CA LEU A 22 -3.14 5.18 -2.29
C LEU A 22 -3.38 6.48 -3.05
N GLN A 23 -3.54 7.57 -2.31
CA GLN A 23 -3.78 8.88 -2.91
C GLN A 23 -2.55 9.35 -3.68
N ARG A 24 -1.37 9.01 -3.16
CA ARG A 24 -0.12 9.40 -3.79
C ARG A 24 0.09 8.68 -5.11
N ARG A 25 -0.46 7.48 -5.21
CA ARG A 25 -0.35 6.67 -6.42
C ARG A 25 -1.54 6.90 -7.34
N GLY A 26 -2.34 7.93 -7.04
CA GLY A 26 -3.51 8.23 -7.85
C GLY A 26 -4.51 7.10 -7.85
N LEU A 27 -4.57 6.36 -6.75
CA LEU A 27 -5.50 5.24 -6.63
C LEU A 27 -6.68 5.61 -5.74
N ASP A 28 -7.85 5.05 -6.05
CA ASP A 28 -9.06 5.32 -5.27
C ASP A 28 -8.78 5.19 -3.78
N THR A 29 -9.32 6.13 -3.00
CA THR A 29 -9.13 6.12 -1.56
C THR A 29 -10.42 5.73 -0.84
N ARG A 30 -11.15 4.78 -1.42
CA ARG A 30 -12.40 4.32 -0.83
C ARG A 30 -12.33 2.82 -0.52
N GLY A 31 -13.31 2.34 0.24
CA GLY A 31 -13.35 0.93 0.59
C GLY A 31 -12.80 0.66 1.98
N LEU A 32 -13.11 -0.51 2.53
CA LEU A 32 -12.66 -0.87 3.86
C LEU A 32 -11.13 -0.91 3.92
N LYS A 33 -10.59 -0.96 5.13
CA LYS A 33 -9.14 -1.01 5.32
C LYS A 33 -8.53 -2.14 4.50
N ALA A 34 -9.06 -3.34 4.67
CA ALA A 34 -8.56 -4.51 3.95
C ALA A 34 -8.54 -4.25 2.44
N GLU A 35 -9.61 -3.62 1.94
CA GLU A 35 -9.71 -3.32 0.52
C GLU A 35 -8.63 -2.33 0.09
N LEU A 36 -8.37 -1.35 0.94
CA LEU A 36 -7.36 -0.33 0.65
C LEU A 36 -5.96 -0.94 0.67
N ALA A 37 -5.74 -1.88 1.59
CA ALA A 37 -4.45 -2.54 1.72
C ALA A 37 -4.12 -3.35 0.47
N GLU A 38 -5.10 -4.14 0.01
CA GLU A 38 -4.91 -4.97 -1.17
C GLU A 38 -4.65 -4.11 -2.40
N ARG A 39 -5.39 -3.01 -2.51
CA ARG A 39 -5.25 -2.09 -3.65
C ARG A 39 -3.83 -1.53 -3.70
N LEU A 40 -3.34 -1.07 -2.56
CA LEU A 40 -1.99 -0.50 -2.48
C LEU A 40 -0.93 -1.55 -2.76
N GLN A 41 -1.11 -2.74 -2.18
CA GLN A 41 -0.17 -3.83 -2.37
C GLN A 41 -0.06 -4.21 -3.85
N ALA A 42 -1.21 -4.30 -4.51
CA ALA A 42 -1.25 -4.64 -5.93
C ALA A 42 -0.40 -3.67 -6.76
N ALA A 43 -0.43 -2.40 -6.39
CA ALA A 43 0.34 -1.37 -7.09
C ALA A 43 1.80 -1.42 -6.69
N LEU A 44 2.06 -1.69 -5.42
CA LEU A 44 3.43 -1.76 -4.91
C LEU A 44 4.19 -2.91 -5.55
N SER A 45 3.55 -4.08 -5.58
CA SER A 45 4.17 -5.27 -6.16
C SER A 45 4.38 -5.09 -7.66
N GLY A 46 5.65 -5.13 -8.08
CA GLY A 46 5.97 -4.97 -9.49
C GLY A 46 7.20 -5.75 -9.89
N PRO A 47 7.22 -6.22 -11.15
CA PRO A 47 8.35 -7.00 -11.68
C PRO A 47 9.59 -6.14 -11.89
N SER A 48 10.74 -6.79 -12.03
CA SER A 48 12.01 -6.08 -12.23
C SER A 48 13.05 -7.00 -12.84
N SER A 49 13.87 -6.45 -13.72
CA SER A 49 14.91 -7.22 -14.39
C SER A 49 16.09 -7.48 -13.44
N GLY A 50 16.17 -8.72 -12.94
CA GLY A 50 17.24 -9.07 -12.03
C GLY A 50 16.75 -9.36 -10.64
N GLY A 1 24.08 -3.32 13.91
CA GLY A 1 23.59 -4.57 13.38
C GLY A 1 22.17 -4.45 12.85
N SER A 2 21.99 -3.61 11.83
CA SER A 2 20.68 -3.41 11.24
C SER A 2 20.40 -4.44 10.15
N SER A 3 19.22 -5.04 10.19
CA SER A 3 18.84 -6.05 9.20
C SER A 3 17.87 -5.47 8.18
N GLY A 4 18.33 -5.36 6.94
CA GLY A 4 17.50 -4.83 5.88
C GLY A 4 17.19 -5.85 4.81
N SER A 5 15.91 -5.99 4.49
CA SER A 5 15.47 -6.95 3.47
C SER A 5 14.19 -6.47 2.79
N SER A 6 14.20 -6.50 1.46
CA SER A 6 13.05 -6.07 0.68
C SER A 6 11.77 -6.72 1.20
N GLY A 7 10.76 -5.89 1.46
CA GLY A 7 9.49 -6.40 1.97
C GLY A 7 8.80 -5.43 2.89
N MET A 8 7.80 -4.72 2.38
CA MET A 8 7.06 -3.75 3.17
C MET A 8 5.78 -4.37 3.72
N ASP A 9 5.54 -4.16 5.02
CA ASP A 9 4.36 -4.70 5.67
C ASP A 9 3.23 -3.68 5.67
N VAL A 10 2.43 -3.68 4.62
CA VAL A 10 1.32 -2.76 4.50
C VAL A 10 0.26 -3.02 5.57
N ARG A 11 0.11 -4.29 5.93
CA ARG A 11 -0.86 -4.68 6.95
C ARG A 11 -0.65 -3.87 8.23
N ARG A 12 0.55 -3.35 8.40
CA ARG A 12 0.87 -2.57 9.59
C ARG A 12 0.62 -1.09 9.36
N LEU A 13 -0.35 -0.79 8.50
CA LEU A 13 -0.69 0.59 8.18
C LEU A 13 -2.20 0.82 8.31
N LYS A 14 -2.59 1.68 9.25
CA LYS A 14 -3.99 1.98 9.48
C LYS A 14 -4.64 2.52 8.21
N VAL A 15 -5.95 2.74 8.27
CA VAL A 15 -6.69 3.26 7.12
C VAL A 15 -6.10 4.59 6.65
N ASN A 16 -5.79 5.46 7.59
CA ASN A 16 -5.22 6.77 7.27
C ASN A 16 -3.89 6.61 6.55
N GLU A 17 -3.11 5.62 6.96
CA GLU A 17 -1.81 5.37 6.36
C GLU A 17 -1.96 4.88 4.93
N LEU A 18 -2.89 3.96 4.71
CA LEU A 18 -3.14 3.40 3.38
C LEU A 18 -3.73 4.46 2.45
N ARG A 19 -4.62 5.29 2.99
CA ARG A 19 -5.25 6.33 2.22
C ARG A 19 -4.22 7.31 1.67
N GLU A 20 -3.27 7.71 2.53
CA GLU A 20 -2.23 8.63 2.13
C GLU A 20 -1.38 8.05 1.01
N GLU A 21 -1.01 6.78 1.14
CA GLU A 21 -0.20 6.10 0.14
C GLU A 21 -0.98 5.92 -1.17
N LEU A 22 -2.22 5.47 -1.05
CA LEU A 22 -3.07 5.27 -2.21
C LEU A 22 -3.39 6.58 -2.90
N GLN A 23 -3.60 7.63 -2.10
CA GLN A 23 -3.92 8.95 -2.64
C GLN A 23 -2.74 9.50 -3.44
N ARG A 24 -1.54 9.37 -2.90
CA ARG A 24 -0.34 9.85 -3.57
C ARG A 24 -0.02 9.01 -4.81
N ARG A 25 -0.50 7.77 -4.81
CA ARG A 25 -0.27 6.87 -5.92
C ARG A 25 -1.36 7.02 -6.97
N GLY A 26 -2.18 8.04 -6.82
CA GLY A 26 -3.26 8.28 -7.76
C GLY A 26 -4.26 7.15 -7.80
N LEU A 27 -4.28 6.34 -6.75
CA LEU A 27 -5.20 5.22 -6.65
C LEU A 27 -6.42 5.57 -5.81
N ASP A 28 -7.56 4.96 -6.13
CA ASP A 28 -8.79 5.21 -5.41
C ASP A 28 -8.58 5.06 -3.91
N THR A 29 -9.20 5.94 -3.14
CA THR A 29 -9.09 5.91 -1.68
C THR A 29 -10.39 5.46 -1.03
N ARG A 30 -11.13 4.60 -1.73
CA ARG A 30 -12.39 4.09 -1.22
C ARG A 30 -12.25 2.64 -0.76
N GLY A 31 -13.27 2.14 -0.07
CA GLY A 31 -13.25 0.78 0.42
C GLY A 31 -12.81 0.68 1.86
N LEU A 32 -13.04 -0.47 2.48
CA LEU A 32 -12.67 -0.68 3.87
C LEU A 32 -11.15 -0.70 4.03
N LYS A 33 -10.69 -0.79 5.28
CA LYS A 33 -9.26 -0.81 5.57
C LYS A 33 -8.58 -1.94 4.81
N ALA A 34 -9.11 -3.15 4.94
CA ALA A 34 -8.55 -4.31 4.25
C ALA A 34 -8.53 -4.10 2.74
N GLU A 35 -9.62 -3.54 2.20
CA GLU A 35 -9.71 -3.29 0.78
C GLU A 35 -8.62 -2.34 0.31
N LEU A 36 -8.44 -1.25 1.04
CA LEU A 36 -7.42 -0.27 0.70
C LEU A 36 -6.03 -0.88 0.71
N ALA A 37 -5.78 -1.74 1.69
CA ALA A 37 -4.49 -2.41 1.80
C ALA A 37 -4.20 -3.26 0.56
N GLU A 38 -5.20 -4.00 0.11
CA GLU A 38 -5.05 -4.86 -1.06
C GLU A 38 -4.75 -4.02 -2.30
N ARG A 39 -5.44 -2.89 -2.43
CA ARG A 39 -5.25 -2.00 -3.57
C ARG A 39 -3.82 -1.48 -3.62
N LEU A 40 -3.32 -1.04 -2.47
CA LEU A 40 -1.95 -0.52 -2.38
C LEU A 40 -0.93 -1.60 -2.71
N GLN A 41 -1.13 -2.78 -2.14
CA GLN A 41 -0.22 -3.90 -2.36
C GLN A 41 -0.24 -4.33 -3.83
N ALA A 42 -1.42 -4.30 -4.43
CA ALA A 42 -1.56 -4.68 -5.84
C ALA A 42 -0.69 -3.82 -6.74
N ALA A 43 -0.62 -2.52 -6.43
CA ALA A 43 0.19 -1.60 -7.21
C ALA A 43 1.67 -1.83 -6.98
N LEU A 44 2.04 -2.05 -5.71
CA LEU A 44 3.43 -2.29 -5.35
C LEU A 44 3.95 -3.58 -5.99
N SER A 45 3.15 -4.63 -5.92
CA SER A 45 3.54 -5.92 -6.50
C SER A 45 2.96 -6.08 -7.89
N GLY A 46 3.84 -6.05 -8.89
CA GLY A 46 3.39 -6.19 -10.27
C GLY A 46 4.39 -5.62 -11.26
N PRO A 47 4.46 -6.23 -12.46
CA PRO A 47 5.38 -5.79 -13.51
C PRO A 47 4.98 -4.45 -14.11
N SER A 48 5.96 -3.59 -14.33
CA SER A 48 5.71 -2.27 -14.90
C SER A 48 6.99 -1.68 -15.49
N SER A 49 7.00 -1.50 -16.80
CA SER A 49 8.17 -0.95 -17.48
C SER A 49 7.75 0.19 -18.42
N GLY A 50 8.20 1.40 -18.11
CA GLY A 50 7.87 2.55 -18.93
C GLY A 50 8.77 2.67 -20.14
N GLY A 1 17.77 -1.77 -0.39
CA GLY A 1 17.82 -2.80 -1.43
C GLY A 1 16.68 -3.77 -1.31
N SER A 2 15.96 -3.99 -2.42
CA SER A 2 14.83 -4.91 -2.44
C SER A 2 15.25 -6.26 -3.02
N SER A 3 15.72 -6.23 -4.26
CA SER A 3 16.14 -7.46 -4.94
C SER A 3 15.00 -8.47 -5.01
N GLY A 4 13.81 -7.97 -5.34
CA GLY A 4 12.65 -8.84 -5.44
C GLY A 4 11.47 -8.34 -4.63
N SER A 5 10.40 -7.94 -5.31
CA SER A 5 9.22 -7.44 -4.65
C SER A 5 8.82 -8.33 -3.48
N SER A 6 8.90 -7.78 -2.26
CA SER A 6 8.55 -8.53 -1.07
C SER A 6 7.60 -7.73 -0.17
N GLY A 7 6.74 -8.43 0.55
CA GLY A 7 5.79 -7.76 1.42
C GLY A 7 6.45 -6.71 2.29
N MET A 8 5.67 -5.73 2.74
CA MET A 8 6.19 -4.66 3.58
C MET A 8 5.31 -4.46 4.81
N ASP A 9 4.42 -5.43 5.05
CA ASP A 9 3.52 -5.35 6.20
C ASP A 9 2.50 -4.24 6.01
N VAL A 10 2.00 -4.09 4.78
CA VAL A 10 1.02 -3.06 4.48
C VAL A 10 -0.14 -3.11 5.46
N ARG A 11 -0.46 -4.31 5.94
CA ARG A 11 -1.56 -4.48 6.89
C ARG A 11 -1.33 -3.65 8.14
N ARG A 12 -0.07 -3.46 8.51
CA ARG A 12 0.28 -2.68 9.69
C ARG A 12 -0.07 -1.21 9.49
N LEU A 13 -0.02 -0.76 8.24
CA LEU A 13 -0.33 0.63 7.92
C LEU A 13 -1.82 0.92 8.14
N LYS A 14 -2.12 1.72 9.16
CA LYS A 14 -3.49 2.08 9.47
C LYS A 14 -4.21 2.60 8.23
N VAL A 15 -5.53 2.77 8.35
CA VAL A 15 -6.33 3.26 7.24
C VAL A 15 -5.79 4.60 6.72
N ASN A 16 -5.40 5.47 7.64
CA ASN A 16 -4.86 6.78 7.28
C ASN A 16 -3.59 6.63 6.45
N GLU A 17 -2.76 5.66 6.83
CA GLU A 17 -1.50 5.42 6.13
C GLU A 17 -1.76 4.87 4.73
N LEU A 18 -2.70 3.95 4.63
CA LEU A 18 -3.05 3.34 3.34
C LEU A 18 -3.69 4.36 2.41
N ARG A 19 -4.63 5.14 2.95
CA ARG A 19 -5.32 6.16 2.17
C ARG A 19 -4.35 7.21 1.68
N GLU A 20 -3.41 7.61 2.54
CA GLU A 20 -2.43 8.62 2.19
C GLU A 20 -1.53 8.14 1.06
N GLU A 21 -1.12 6.87 1.13
CA GLU A 21 -0.26 6.29 0.11
C GLU A 21 -0.99 6.19 -1.22
N LEU A 22 -2.23 5.72 -1.18
CA LEU A 22 -3.03 5.58 -2.39
C LEU A 22 -3.24 6.92 -3.07
N GLN A 23 -3.37 7.97 -2.27
CA GLN A 23 -3.57 9.32 -2.80
C GLN A 23 -2.36 9.77 -3.61
N ARG A 24 -1.16 9.53 -3.06
CA ARG A 24 0.08 9.91 -3.73
C ARG A 24 0.22 9.17 -5.06
N ARG A 25 -0.12 7.89 -5.07
CA ARG A 25 -0.02 7.08 -6.27
C ARG A 25 -1.15 7.41 -7.25
N GLY A 26 -2.28 7.83 -6.70
CA GLY A 26 -3.42 8.18 -7.53
C GLY A 26 -4.45 7.06 -7.61
N LEU A 27 -4.43 6.18 -6.62
CA LEU A 27 -5.36 5.06 -6.58
C LEU A 27 -6.58 5.40 -5.72
N ASP A 28 -7.72 4.82 -6.07
CA ASP A 28 -8.96 5.05 -5.33
C ASP A 28 -8.72 4.90 -3.82
N THR A 29 -9.30 5.82 -3.05
CA THR A 29 -9.16 5.78 -1.59
C THR A 29 -10.46 5.37 -0.93
N ARG A 30 -11.21 4.49 -1.59
CA ARG A 30 -12.48 4.02 -1.05
C ARG A 30 -12.40 2.54 -0.70
N GLY A 31 -13.41 2.05 0.02
CA GLY A 31 -13.43 0.65 0.41
C GLY A 31 -12.99 0.45 1.85
N LEU A 32 -13.23 -0.74 2.38
CA LEU A 32 -12.86 -1.07 3.75
C LEU A 32 -11.36 -0.94 3.94
N LYS A 33 -10.92 -0.92 5.20
CA LYS A 33 -9.51 -0.82 5.53
C LYS A 33 -8.71 -1.93 4.86
N ALA A 34 -9.21 -3.16 4.97
CA ALA A 34 -8.54 -4.31 4.37
C ALA A 34 -8.52 -4.20 2.85
N GLU A 35 -9.62 -3.74 2.28
CA GLU A 35 -9.73 -3.59 0.82
C GLU A 35 -8.68 -2.60 0.31
N LEU A 36 -8.51 -1.49 1.03
CA LEU A 36 -7.55 -0.46 0.64
C LEU A 36 -6.13 -1.01 0.68
N ALA A 37 -5.85 -1.84 1.68
CA ALA A 37 -4.52 -2.43 1.82
C ALA A 37 -4.16 -3.27 0.60
N GLU A 38 -5.12 -4.05 0.12
CA GLU A 38 -4.91 -4.89 -1.05
C GLU A 38 -4.64 -4.05 -2.29
N ARG A 39 -5.34 -2.94 -2.41
CA ARG A 39 -5.18 -2.05 -3.56
C ARG A 39 -3.78 -1.46 -3.60
N LEU A 40 -3.32 -0.94 -2.46
CA LEU A 40 -2.00 -0.34 -2.36
C LEU A 40 -0.91 -1.39 -2.63
N GLN A 41 -1.06 -2.56 -2.01
CA GLN A 41 -0.10 -3.64 -2.19
C GLN A 41 -0.08 -4.13 -3.64
N ALA A 42 -1.26 -4.24 -4.23
CA ALA A 42 -1.38 -4.69 -5.61
C ALA A 42 -0.56 -3.83 -6.55
N ALA A 43 -0.63 -2.51 -6.33
CA ALA A 43 0.12 -1.56 -7.16
C ALA A 43 1.62 -1.67 -6.91
N LEU A 44 1.99 -1.81 -5.64
CA LEU A 44 3.39 -1.93 -5.27
C LEU A 44 4.03 -3.15 -5.90
N SER A 45 3.25 -4.24 -5.99
CA SER A 45 3.75 -5.48 -6.58
C SER A 45 4.33 -5.23 -7.97
N GLY A 46 3.60 -4.47 -8.78
CA GLY A 46 4.05 -4.17 -10.13
C GLY A 46 3.67 -2.77 -10.57
N PRO A 47 4.49 -1.79 -10.15
CA PRO A 47 4.25 -0.38 -10.50
C PRO A 47 4.49 -0.09 -11.97
N SER A 48 5.52 -0.72 -12.54
CA SER A 48 5.86 -0.53 -13.94
C SER A 48 4.62 -0.70 -14.83
N SER A 49 4.34 0.31 -15.63
CA SER A 49 3.18 0.29 -16.53
C SER A 49 3.47 -0.56 -17.76
N GLY A 50 2.43 -1.17 -18.31
CA GLY A 50 2.59 -2.01 -19.48
C GLY A 50 3.44 -3.23 -19.22
N GLY A 1 20.63 6.84 8.65
CA GLY A 1 21.20 5.95 7.66
C GLY A 1 20.17 5.01 7.06
N SER A 2 19.06 5.57 6.61
CA SER A 2 17.98 4.78 6.01
C SER A 2 18.53 3.88 4.91
N SER A 3 18.42 2.57 5.12
CA SER A 3 18.90 1.60 4.14
C SER A 3 17.90 0.47 3.96
N GLY A 4 17.36 0.35 2.75
CA GLY A 4 16.40 -0.70 2.47
C GLY A 4 15.34 -0.25 1.49
N SER A 5 15.73 -0.04 0.24
CA SER A 5 14.79 0.41 -0.80
C SER A 5 13.48 -0.37 -0.70
N SER A 6 13.59 -1.68 -0.51
CA SER A 6 12.42 -2.54 -0.41
C SER A 6 12.17 -2.96 1.03
N GLY A 7 10.92 -2.85 1.47
CA GLY A 7 10.57 -3.22 2.83
C GLY A 7 9.42 -2.40 3.38
N MET A 8 8.20 -2.80 3.05
CA MET A 8 7.01 -2.09 3.52
C MET A 8 5.85 -3.06 3.69
N ASP A 9 5.38 -3.19 4.94
CA ASP A 9 4.26 -4.08 5.23
C ASP A 9 2.96 -3.29 5.35
N VAL A 10 2.06 -3.49 4.39
CA VAL A 10 0.78 -2.81 4.39
C VAL A 10 -0.07 -3.21 5.59
N ARG A 11 0.08 -4.46 6.01
CA ARG A 11 -0.68 -4.98 7.15
C ARG A 11 -0.42 -4.14 8.40
N ARG A 12 0.70 -3.43 8.41
CA ARG A 12 1.06 -2.59 9.55
C ARG A 12 0.80 -1.12 9.23
N LEU A 13 -0.14 -0.86 8.33
CA LEU A 13 -0.48 0.51 7.94
C LEU A 13 -1.93 0.82 8.25
N LYS A 14 -2.15 1.70 9.21
CA LYS A 14 -3.50 2.09 9.60
C LYS A 14 -4.30 2.56 8.39
N VAL A 15 -5.61 2.77 8.60
CA VAL A 15 -6.48 3.23 7.52
C VAL A 15 -5.97 4.54 6.93
N ASN A 16 -5.47 5.42 7.78
CA ASN A 16 -4.95 6.70 7.33
C ASN A 16 -3.71 6.52 6.45
N GLU A 17 -2.88 5.55 6.82
CA GLU A 17 -1.66 5.27 6.07
C GLU A 17 -1.99 4.73 4.68
N LEU A 18 -3.00 3.87 4.61
CA LEU A 18 -3.42 3.28 3.35
C LEU A 18 -4.00 4.34 2.41
N ARG A 19 -4.87 5.19 2.95
CA ARG A 19 -5.50 6.25 2.17
C ARG A 19 -4.46 7.22 1.63
N GLU A 20 -3.49 7.56 2.47
CA GLU A 20 -2.42 8.49 2.08
C GLU A 20 -1.55 7.87 0.99
N GLU A 21 -1.22 6.59 1.16
CA GLU A 21 -0.39 5.89 0.19
C GLU A 21 -1.08 5.81 -1.17
N LEU A 22 -2.33 5.38 -1.16
CA LEU A 22 -3.11 5.25 -2.39
C LEU A 22 -3.31 6.61 -3.05
N GLN A 23 -3.48 7.64 -2.23
CA GLN A 23 -3.68 9.00 -2.73
C GLN A 23 -2.43 9.50 -3.44
N ARG A 24 -1.27 9.14 -2.92
CA ARG A 24 0.00 9.56 -3.50
C ARG A 24 0.19 8.94 -4.88
N ARG A 25 -0.41 7.78 -5.09
CA ARG A 25 -0.30 7.08 -6.36
C ARG A 25 -1.54 7.32 -7.22
N GLY A 26 -2.37 8.26 -6.79
CA GLY A 26 -3.59 8.58 -7.53
C GLY A 26 -4.57 7.43 -7.54
N LEU A 27 -4.33 6.43 -6.70
CA LEU A 27 -5.21 5.26 -6.62
C LEU A 27 -6.46 5.58 -5.80
N ASP A 28 -7.57 4.96 -6.18
CA ASP A 28 -8.83 5.17 -5.47
C ASP A 28 -8.69 4.86 -3.99
N THR A 29 -9.30 5.70 -3.16
CA THR A 29 -9.24 5.52 -1.71
C THR A 29 -10.61 5.12 -1.15
N ARG A 30 -11.39 4.43 -1.96
CA ARG A 30 -12.72 3.99 -1.54
C ARG A 30 -12.70 2.53 -1.08
N GLY A 31 -13.38 2.25 0.01
CA GLY A 31 -13.43 0.90 0.54
C GLY A 31 -12.89 0.80 1.94
N LEU A 32 -13.15 -0.33 2.60
CA LEU A 32 -12.68 -0.53 3.97
C LEU A 32 -11.16 -0.61 4.02
N LYS A 33 -10.62 -0.74 5.22
CA LYS A 33 -9.17 -0.82 5.41
C LYS A 33 -8.59 -1.97 4.60
N ALA A 34 -9.25 -3.13 4.66
CA ALA A 34 -8.79 -4.30 3.93
C ALA A 34 -8.70 -4.01 2.43
N GLU A 35 -9.72 -3.37 1.89
CA GLU A 35 -9.75 -3.05 0.46
C GLU A 35 -8.61 -2.11 0.10
N LEU A 36 -8.42 -1.07 0.91
CA LEU A 36 -7.36 -0.09 0.67
C LEU A 36 -5.99 -0.76 0.76
N ALA A 37 -5.84 -1.67 1.72
CA ALA A 37 -4.58 -2.38 1.92
C ALA A 37 -4.23 -3.22 0.69
N GLU A 38 -5.22 -3.90 0.15
CA GLU A 38 -5.02 -4.76 -1.03
C GLU A 38 -4.71 -3.90 -2.26
N ARG A 39 -5.39 -2.77 -2.37
CA ARG A 39 -5.18 -1.88 -3.51
C ARG A 39 -3.73 -1.41 -3.57
N LEU A 40 -3.23 -0.85 -2.47
CA LEU A 40 -1.87 -0.37 -2.41
C LEU A 40 -0.87 -1.50 -2.64
N GLN A 41 -1.10 -2.63 -1.97
CA GLN A 41 -0.23 -3.79 -2.10
C GLN A 41 -0.18 -4.27 -3.55
N ALA A 42 -1.35 -4.34 -4.19
CA ALA A 42 -1.44 -4.77 -5.57
C ALA A 42 -0.56 -3.92 -6.48
N ALA A 43 -0.51 -2.62 -6.20
CA ALA A 43 0.28 -1.69 -6.99
C ALA A 43 1.77 -1.83 -6.65
N LEU A 44 2.07 -1.92 -5.36
CA LEU A 44 3.45 -2.05 -4.90
C LEU A 44 4.09 -3.31 -5.47
N SER A 45 3.38 -4.43 -5.38
CA SER A 45 3.88 -5.70 -5.88
C SER A 45 5.31 -5.95 -5.39
N GLY A 46 5.55 -5.68 -4.12
CA GLY A 46 6.86 -5.88 -3.54
C GLY A 46 6.93 -7.11 -2.67
N PRO A 47 8.13 -7.39 -2.13
CA PRO A 47 8.35 -8.55 -1.27
C PRO A 47 7.67 -8.39 0.09
N SER A 48 7.82 -7.22 0.70
CA SER A 48 7.22 -6.94 2.00
C SER A 48 7.31 -8.17 2.90
N SER A 49 8.46 -8.84 2.88
CA SER A 49 8.67 -10.02 3.69
C SER A 49 9.55 -9.71 4.89
N GLY A 50 9.31 -8.57 5.52
CA GLY A 50 10.10 -8.16 6.67
C GLY A 50 11.30 -7.31 6.29
N GLY A 1 24.08 3.64 3.94
CA GLY A 1 23.69 4.87 3.27
C GLY A 1 22.43 4.70 2.45
N SER A 2 21.58 5.73 2.46
CA SER A 2 20.33 5.69 1.71
C SER A 2 19.37 4.65 2.30
N SER A 3 19.31 4.61 3.63
CA SER A 3 18.43 3.66 4.33
C SER A 3 17.23 4.38 4.94
N GLY A 4 16.04 3.84 4.68
CA GLY A 4 14.83 4.43 5.21
C GLY A 4 14.01 3.46 6.03
N SER A 5 12.70 3.68 6.08
CA SER A 5 11.81 2.81 6.84
C SER A 5 11.92 1.36 6.36
N SER A 6 12.65 0.55 7.13
CA SER A 6 12.83 -0.86 6.79
C SER A 6 11.63 -1.69 7.22
N GLY A 7 10.63 -1.78 6.34
CA GLY A 7 9.44 -2.55 6.65
C GLY A 7 8.17 -1.79 6.33
N MET A 8 7.58 -2.10 5.18
CA MET A 8 6.34 -1.43 4.77
C MET A 8 5.17 -1.88 5.63
N ASP A 9 5.01 -3.20 5.77
CA ASP A 9 3.92 -3.75 6.56
C ASP A 9 2.60 -3.10 6.21
N VAL A 10 2.25 -3.13 4.93
CA VAL A 10 1.00 -2.53 4.47
C VAL A 10 -0.18 -3.01 5.30
N ARG A 11 -0.12 -4.26 5.75
CA ARG A 11 -1.18 -4.84 6.56
C ARG A 11 -1.22 -4.21 7.95
N ARG A 12 -0.08 -3.68 8.38
CA ARG A 12 0.02 -3.05 9.69
C ARG A 12 -0.32 -1.56 9.61
N LEU A 13 -0.02 -0.96 8.45
CA LEU A 13 -0.30 0.46 8.25
C LEU A 13 -1.75 0.79 8.59
N LYS A 14 -1.94 1.87 9.35
CA LYS A 14 -3.27 2.30 9.74
C LYS A 14 -4.12 2.65 8.52
N VAL A 15 -5.41 2.85 8.73
CA VAL A 15 -6.31 3.20 7.64
C VAL A 15 -5.94 4.55 7.02
N ASN A 16 -5.59 5.50 7.87
CA ASN A 16 -5.22 6.84 7.42
C ASN A 16 -3.94 6.78 6.58
N GLU A 17 -3.00 5.96 7.00
CA GLU A 17 -1.73 5.82 6.29
C GLU A 17 -1.95 5.25 4.89
N LEU A 18 -2.79 4.22 4.80
CA LEU A 18 -3.10 3.58 3.53
C LEU A 18 -3.72 4.58 2.55
N ARG A 19 -4.62 5.42 3.07
CA ARG A 19 -5.29 6.42 2.26
C ARG A 19 -4.27 7.39 1.64
N GLU A 20 -3.35 7.86 2.47
CA GLU A 20 -2.33 8.79 2.01
C GLU A 20 -1.45 8.16 0.92
N GLU A 21 -1.07 6.90 1.14
CA GLU A 21 -0.23 6.19 0.19
C GLU A 21 -0.99 5.95 -1.13
N LEU A 22 -2.23 5.49 -1.01
CA LEU A 22 -3.06 5.22 -2.18
C LEU A 22 -3.38 6.51 -2.92
N GLN A 23 -3.56 7.59 -2.17
CA GLN A 23 -3.88 8.89 -2.76
C GLN A 23 -2.70 9.42 -3.56
N ARG A 24 -1.51 9.32 -2.99
CA ARG A 24 -0.30 9.80 -3.65
C ARG A 24 0.05 8.92 -4.84
N ARG A 25 -0.42 7.67 -4.81
CA ARG A 25 -0.16 6.73 -5.89
C ARG A 25 -1.20 6.86 -7.00
N GLY A 26 -2.13 7.80 -6.82
CA GLY A 26 -3.18 8.00 -7.81
C GLY A 26 -4.24 6.92 -7.77
N LEU A 27 -4.28 6.17 -6.68
CA LEU A 27 -5.25 5.10 -6.51
C LEU A 27 -6.47 5.58 -5.70
N ASP A 28 -7.62 5.00 -5.99
CA ASP A 28 -8.85 5.36 -5.29
C ASP A 28 -8.73 5.05 -3.80
N THR A 29 -9.45 5.83 -2.99
CA THR A 29 -9.42 5.64 -1.54
C THR A 29 -10.76 5.12 -1.04
N ARG A 30 -11.47 4.40 -1.89
CA ARG A 30 -12.77 3.84 -1.52
C ARG A 30 -12.63 2.38 -1.08
N GLY A 31 -13.38 2.01 -0.04
CA GLY A 31 -13.32 0.66 0.46
C GLY A 31 -12.74 0.57 1.86
N LEU A 32 -13.10 -0.49 2.58
CA LEU A 32 -12.61 -0.67 3.95
C LEU A 32 -11.09 -0.75 3.98
N LYS A 33 -10.53 -0.72 5.18
CA LYS A 33 -9.09 -0.78 5.35
C LYS A 33 -8.50 -1.97 4.60
N ALA A 34 -9.13 -3.12 4.73
CA ALA A 34 -8.67 -4.33 4.04
C ALA A 34 -8.62 -4.12 2.54
N GLU A 35 -9.66 -3.50 1.99
CA GLU A 35 -9.73 -3.24 0.56
C GLU A 35 -8.64 -2.26 0.13
N LEU A 36 -8.41 -1.25 0.96
CA LEU A 36 -7.40 -0.24 0.67
C LEU A 36 -6.00 -0.85 0.71
N ALA A 37 -5.75 -1.70 1.70
CA ALA A 37 -4.45 -2.35 1.84
C ALA A 37 -4.11 -3.17 0.61
N GLU A 38 -5.07 -3.97 0.14
CA GLU A 38 -4.88 -4.81 -1.03
C GLU A 38 -4.60 -3.96 -2.27
N ARG A 39 -5.32 -2.84 -2.38
CA ARG A 39 -5.16 -1.94 -3.51
C ARG A 39 -3.73 -1.40 -3.58
N LEU A 40 -3.20 -0.98 -2.45
CA LEU A 40 -1.84 -0.45 -2.38
C LEU A 40 -0.82 -1.53 -2.70
N GLN A 41 -1.01 -2.72 -2.13
CA GLN A 41 -0.11 -3.84 -2.36
C GLN A 41 -0.15 -4.28 -3.82
N ALA A 42 -1.33 -4.24 -4.42
CA ALA A 42 -1.50 -4.64 -5.81
C ALA A 42 -0.64 -3.77 -6.73
N ALA A 43 -0.61 -2.48 -6.46
CA ALA A 43 0.17 -1.54 -7.26
C ALA A 43 1.67 -1.78 -7.07
N LEU A 44 2.06 -2.17 -5.87
CA LEU A 44 3.45 -2.43 -5.56
C LEU A 44 3.97 -3.65 -6.34
N SER A 45 3.14 -4.68 -6.42
CA SER A 45 3.51 -5.89 -7.14
C SER A 45 3.55 -5.65 -8.64
N GLY A 46 4.75 -5.50 -9.17
CA GLY A 46 4.91 -5.27 -10.60
C GLY A 46 6.03 -6.08 -11.21
N PRO A 47 6.01 -6.21 -12.55
CA PRO A 47 7.02 -6.98 -13.28
C PRO A 47 8.38 -6.29 -13.27
N SER A 48 8.40 -5.05 -12.81
CA SER A 48 9.65 -4.28 -12.75
C SER A 48 10.75 -5.08 -12.10
N SER A 49 11.68 -5.57 -12.92
CA SER A 49 12.80 -6.38 -12.41
C SER A 49 13.92 -5.48 -11.91
N GLY A 50 13.88 -5.16 -10.61
CA GLY A 50 14.90 -4.31 -10.02
C GLY A 50 14.42 -2.90 -9.81
N GLY A 1 12.01 -16.59 4.00
CA GLY A 1 12.79 -15.45 4.43
C GLY A 1 13.86 -15.06 3.43
N SER A 2 13.88 -13.79 3.05
CA SER A 2 14.86 -13.29 2.09
C SER A 2 16.19 -12.99 2.77
N SER A 3 17.19 -12.61 1.98
CA SER A 3 18.51 -12.29 2.52
C SER A 3 18.40 -11.60 3.87
N GLY A 4 17.73 -10.45 3.89
CA GLY A 4 17.56 -9.71 5.12
C GLY A 4 16.10 -9.53 5.50
N SER A 5 15.84 -8.59 6.41
CA SER A 5 14.48 -8.33 6.85
C SER A 5 14.18 -6.83 6.83
N SER A 6 13.24 -6.43 5.97
CA SER A 6 12.87 -5.03 5.85
C SER A 6 11.69 -4.87 4.89
N GLY A 7 10.95 -3.77 5.06
CA GLY A 7 9.80 -3.53 4.21
C GLY A 7 8.64 -2.91 4.96
N MET A 8 7.64 -2.43 4.23
CA MET A 8 6.46 -1.82 4.83
C MET A 8 5.40 -2.87 5.13
N ASP A 9 4.67 -2.68 6.23
CA ASP A 9 3.62 -3.61 6.62
C ASP A 9 2.24 -3.07 6.24
N VAL A 10 1.90 -3.19 4.97
CA VAL A 10 0.61 -2.71 4.48
C VAL A 10 -0.53 -3.20 5.36
N ARG A 11 -0.48 -4.48 5.75
CA ARG A 11 -1.51 -5.06 6.59
C ARG A 11 -1.58 -4.35 7.94
N ARG A 12 -0.44 -3.81 8.38
CA ARG A 12 -0.38 -3.10 9.66
C ARG A 12 -0.69 -1.62 9.47
N LEU A 13 -0.38 -1.10 8.29
CA LEU A 13 -0.63 0.30 7.99
C LEU A 13 -2.11 0.64 8.12
N LYS A 14 -2.43 1.53 9.04
CA LYS A 14 -3.82 1.94 9.27
C LYS A 14 -4.42 2.52 8.00
N VAL A 15 -5.75 2.69 8.01
CA VAL A 15 -6.45 3.24 6.86
C VAL A 15 -5.86 4.59 6.45
N ASN A 16 -5.49 5.39 7.44
CA ASN A 16 -4.92 6.71 7.18
C ASN A 16 -3.60 6.59 6.42
N GLU A 17 -2.76 5.64 6.84
CA GLU A 17 -1.48 5.42 6.20
C GLU A 17 -1.65 4.98 4.75
N LEU A 18 -2.59 4.06 4.52
CA LEU A 18 -2.86 3.54 3.19
C LEU A 18 -3.46 4.62 2.30
N ARG A 19 -4.36 5.43 2.88
CA ARG A 19 -5.01 6.50 2.15
C ARG A 19 -3.98 7.47 1.57
N GLU A 20 -2.99 7.83 2.39
CA GLU A 20 -1.94 8.75 1.97
C GLU A 20 -1.15 8.17 0.80
N GLU A 21 -0.77 6.90 0.93
CA GLU A 21 -0.01 6.23 -0.12
C GLU A 21 -0.83 6.09 -1.40
N LEU A 22 -2.07 5.67 -1.25
CA LEU A 22 -2.97 5.50 -2.39
C LEU A 22 -3.24 6.84 -3.08
N GLN A 23 -3.38 7.89 -2.26
CA GLN A 23 -3.66 9.22 -2.79
C GLN A 23 -2.49 9.73 -3.63
N ARG A 24 -1.27 9.49 -3.14
CA ARG A 24 -0.07 9.93 -3.84
C ARG A 24 0.01 9.28 -5.22
N ARG A 25 -0.25 7.98 -5.28
CA ARG A 25 -0.21 7.24 -6.53
C ARG A 25 -1.41 7.59 -7.41
N GLY A 26 -2.50 7.98 -6.77
CA GLY A 26 -3.71 8.33 -7.51
C GLY A 26 -4.68 7.18 -7.60
N LEU A 27 -4.59 6.25 -6.66
CA LEU A 27 -5.47 5.08 -6.65
C LEU A 27 -6.67 5.33 -5.74
N ASP A 28 -7.81 4.75 -6.11
CA ASP A 28 -9.03 4.89 -5.33
C ASP A 28 -8.75 4.72 -3.83
N THR A 29 -9.34 5.61 -3.03
CA THR A 29 -9.15 5.55 -1.59
C THR A 29 -10.45 5.18 -0.87
N ARG A 30 -11.26 4.36 -1.54
CA ARG A 30 -12.53 3.93 -0.97
C ARG A 30 -12.49 2.45 -0.59
N GLY A 31 -13.42 2.04 0.27
CA GLY A 31 -13.45 0.65 0.70
C GLY A 31 -12.96 0.47 2.12
N LEU A 32 -13.19 -0.70 2.68
CA LEU A 32 -12.76 -1.01 4.04
C LEU A 32 -11.24 -0.97 4.16
N LYS A 33 -10.74 -0.98 5.39
CA LYS A 33 -9.30 -0.96 5.63
C LYS A 33 -8.59 -2.03 4.81
N ALA A 34 -9.05 -3.28 4.95
CA ALA A 34 -8.46 -4.39 4.21
C ALA A 34 -8.43 -4.10 2.71
N GLU A 35 -9.52 -3.56 2.19
CA GLU A 35 -9.61 -3.24 0.78
C GLU A 35 -8.51 -2.26 0.36
N LEU A 36 -8.30 -1.24 1.19
CA LEU A 36 -7.27 -0.24 0.91
C LEU A 36 -5.89 -0.87 0.92
N ALA A 37 -5.65 -1.77 1.86
CA ALA A 37 -4.36 -2.44 1.98
C ALA A 37 -4.04 -3.24 0.72
N GLU A 38 -5.02 -4.00 0.25
CA GLU A 38 -4.84 -4.82 -0.95
C GLU A 38 -4.56 -3.93 -2.17
N ARG A 39 -5.27 -2.82 -2.26
CA ARG A 39 -5.11 -1.90 -3.37
C ARG A 39 -3.67 -1.40 -3.45
N LEU A 40 -3.17 -0.87 -2.34
CA LEU A 40 -1.81 -0.35 -2.28
C LEU A 40 -0.80 -1.46 -2.57
N GLN A 41 -0.99 -2.61 -1.92
CA GLN A 41 -0.09 -3.75 -2.10
C GLN A 41 -0.08 -4.20 -3.56
N ALA A 42 -1.25 -4.23 -4.18
CA ALA A 42 -1.37 -4.64 -5.58
C ALA A 42 -0.54 -3.74 -6.49
N ALA A 43 -0.57 -2.43 -6.21
CA ALA A 43 0.18 -1.47 -7.00
C ALA A 43 1.68 -1.57 -6.72
N LEU A 44 2.03 -1.75 -5.45
CA LEU A 44 3.42 -1.85 -5.06
C LEU A 44 4.04 -3.13 -5.62
N SER A 45 3.30 -4.23 -5.55
CA SER A 45 3.78 -5.51 -6.06
C SER A 45 3.92 -5.49 -7.57
N GLY A 46 2.80 -5.27 -8.26
CA GLY A 46 2.82 -5.23 -9.71
C GLY A 46 1.98 -4.09 -10.26
N PRO A 47 2.56 -2.89 -10.32
CA PRO A 47 1.87 -1.69 -10.83
C PRO A 47 1.64 -1.76 -12.34
N SER A 48 2.17 -2.80 -12.97
CA SER A 48 2.03 -2.98 -14.41
C SER A 48 0.74 -3.72 -14.73
N SER A 49 0.50 -3.93 -16.02
CA SER A 49 -0.70 -4.64 -16.47
C SER A 49 -0.49 -6.15 -16.43
N GLY A 50 0.60 -6.60 -17.04
CA GLY A 50 0.89 -8.03 -17.07
C GLY A 50 -0.34 -8.86 -17.35
N GLY A 1 15.16 7.74 6.27
CA GLY A 1 16.30 7.66 5.38
C GLY A 1 17.32 6.64 5.83
N SER A 2 16.96 5.37 5.73
CA SER A 2 17.86 4.29 6.14
C SER A 2 17.50 2.98 5.43
N SER A 3 18.34 1.97 5.59
CA SER A 3 18.11 0.68 4.97
C SER A 3 17.83 -0.40 6.02
N GLY A 4 17.29 -1.52 5.58
CA GLY A 4 16.97 -2.61 6.49
C GLY A 4 15.87 -3.51 5.97
N SER A 5 14.68 -2.96 5.82
CA SER A 5 13.54 -3.72 5.33
C SER A 5 13.33 -3.48 3.84
N SER A 6 12.58 -4.38 3.20
CA SER A 6 12.29 -4.27 1.77
C SER A 6 10.80 -4.27 1.52
N GLY A 7 10.24 -3.09 1.25
CA GLY A 7 8.82 -2.97 0.99
C GLY A 7 8.02 -2.73 2.25
N MET A 8 7.49 -1.52 2.38
CA MET A 8 6.70 -1.16 3.56
C MET A 8 5.56 -2.15 3.76
N ASP A 9 5.36 -2.58 5.00
CA ASP A 9 4.31 -3.54 5.32
C ASP A 9 2.94 -2.84 5.33
N VAL A 10 2.11 -3.19 4.36
CA VAL A 10 0.78 -2.60 4.26
C VAL A 10 -0.11 -3.03 5.41
N ARG A 11 0.19 -4.21 5.97
CA ARG A 11 -0.58 -4.73 7.09
C ARG A 11 -0.37 -3.89 8.34
N ARG A 12 0.77 -3.21 8.42
CA ARG A 12 1.10 -2.37 9.55
C ARG A 12 0.83 -0.90 9.23
N LEU A 13 -0.18 -0.64 8.40
CA LEU A 13 -0.53 0.72 8.02
C LEU A 13 -2.02 0.98 8.26
N LYS A 14 -2.31 1.83 9.24
CA LYS A 14 -3.69 2.17 9.58
C LYS A 14 -4.46 2.58 8.33
N VAL A 15 -5.77 2.77 8.48
CA VAL A 15 -6.62 3.16 7.37
C VAL A 15 -6.17 4.49 6.77
N ASN A 16 -5.76 5.42 7.64
CA ASN A 16 -5.30 6.73 7.19
C ASN A 16 -3.98 6.62 6.44
N GLU A 17 -3.13 5.69 6.88
CA GLU A 17 -1.84 5.48 6.25
C GLU A 17 -2.01 4.99 4.81
N LEU A 18 -2.91 4.03 4.62
CA LEU A 18 -3.17 3.47 3.30
C LEU A 18 -3.80 4.51 2.38
N ARG A 19 -4.69 5.34 2.94
CA ARG A 19 -5.36 6.37 2.17
C ARG A 19 -4.35 7.38 1.62
N GLU A 20 -3.43 7.81 2.48
CA GLU A 20 -2.41 8.77 2.08
C GLU A 20 -1.47 8.17 1.04
N GLU A 21 -1.11 6.91 1.22
CA GLU A 21 -0.22 6.23 0.30
C GLU A 21 -0.88 6.06 -1.07
N LEU A 22 -2.13 5.62 -1.06
CA LEU A 22 -2.88 5.40 -2.30
C LEU A 22 -3.10 6.73 -3.02
N GLN A 23 -3.43 7.77 -2.26
CA GLN A 23 -3.66 9.09 -2.83
C GLN A 23 -2.41 9.62 -3.53
N ARG A 24 -1.27 9.46 -2.88
CA ARG A 24 0.00 9.93 -3.44
C ARG A 24 0.33 9.18 -4.73
N ARG A 25 -0.24 7.99 -4.87
CA ARG A 25 -0.01 7.17 -6.06
C ARG A 25 -1.05 7.46 -7.14
N GLY A 26 -2.27 7.78 -6.71
CA GLY A 26 -3.32 8.07 -7.66
C GLY A 26 -4.38 6.99 -7.71
N LEU A 27 -4.40 6.13 -6.69
CA LEU A 27 -5.37 5.04 -6.61
C LEU A 27 -6.54 5.41 -5.73
N ASP A 28 -7.73 4.91 -6.09
CA ASP A 28 -8.93 5.18 -5.32
C ASP A 28 -8.67 5.06 -3.83
N THR A 29 -9.25 5.97 -3.04
CA THR A 29 -9.07 5.96 -1.60
C THR A 29 -10.37 5.62 -0.88
N ARG A 30 -11.15 4.71 -1.47
CA ARG A 30 -12.42 4.29 -0.89
C ARG A 30 -12.37 2.82 -0.50
N GLY A 31 -13.38 2.38 0.24
CA GLY A 31 -13.44 1.00 0.67
C GLY A 31 -12.86 0.80 2.07
N LEU A 32 -13.13 -0.36 2.66
CA LEU A 32 -12.64 -0.67 3.99
C LEU A 32 -11.11 -0.79 3.99
N LYS A 33 -10.53 -0.93 5.18
CA LYS A 33 -9.09 -1.05 5.32
C LYS A 33 -8.56 -2.21 4.46
N ALA A 34 -9.20 -3.36 4.56
CA ALA A 34 -8.80 -4.53 3.80
C ALA A 34 -8.76 -4.22 2.30
N GLU A 35 -9.81 -3.56 1.82
CA GLU A 35 -9.89 -3.20 0.40
C GLU A 35 -8.73 -2.30 -0.01
N LEU A 36 -8.43 -1.33 0.84
CA LEU A 36 -7.33 -0.39 0.57
C LEU A 36 -5.98 -1.11 0.61
N ALA A 37 -5.81 -1.98 1.59
CA ALA A 37 -4.57 -2.73 1.74
C ALA A 37 -4.33 -3.63 0.52
N GLU A 38 -5.36 -4.37 0.13
CA GLU A 38 -5.26 -5.27 -1.02
C GLU A 38 -4.99 -4.49 -2.29
N ARG A 39 -5.62 -3.33 -2.43
CA ARG A 39 -5.45 -2.50 -3.61
C ARG A 39 -4.05 -1.87 -3.63
N LEU A 40 -3.58 -1.44 -2.47
CA LEU A 40 -2.27 -0.84 -2.35
C LEU A 40 -1.17 -1.84 -2.67
N GLN A 41 -1.30 -3.05 -2.12
CA GLN A 41 -0.31 -4.10 -2.34
C GLN A 41 -0.20 -4.42 -3.83
N ALA A 42 -1.34 -4.40 -4.52
CA ALA A 42 -1.37 -4.70 -5.95
C ALA A 42 -0.48 -3.73 -6.72
N ALA A 43 -0.47 -2.48 -6.30
CA ALA A 43 0.33 -1.45 -6.96
C ALA A 43 1.81 -1.58 -6.59
N LEU A 44 2.06 -1.88 -5.33
CA LEU A 44 3.43 -2.05 -4.84
C LEU A 44 4.11 -3.24 -5.50
N SER A 45 3.42 -4.38 -5.49
CA SER A 45 3.95 -5.61 -6.07
C SER A 45 4.00 -5.49 -7.59
N GLY A 46 5.22 -5.53 -8.15
CA GLY A 46 5.38 -5.43 -9.59
C GLY A 46 4.91 -6.69 -10.31
N PRO A 47 4.48 -6.51 -11.57
CA PRO A 47 3.99 -7.62 -12.40
C PRO A 47 5.11 -8.57 -12.81
N SER A 48 6.33 -8.07 -12.81
CA SER A 48 7.49 -8.86 -13.18
C SER A 48 8.42 -9.08 -11.99
N SER A 49 9.28 -10.08 -12.10
CA SER A 49 10.22 -10.41 -11.02
C SER A 49 11.12 -9.22 -10.71
N GLY A 50 11.68 -8.62 -11.76
CA GLY A 50 12.56 -7.47 -11.58
C GLY A 50 13.68 -7.44 -12.60
N GLY A 1 27.21 -4.46 8.33
CA GLY A 1 27.68 -3.45 9.25
C GLY A 1 26.71 -2.30 9.39
N SER A 2 26.44 -1.60 8.29
CA SER A 2 25.54 -0.46 8.29
C SER A 2 24.36 -0.70 7.34
N SER A 3 24.69 -0.95 6.07
CA SER A 3 23.67 -1.19 5.06
C SER A 3 23.06 -2.58 5.21
N GLY A 4 21.75 -2.67 5.02
CA GLY A 4 21.07 -3.95 5.14
C GLY A 4 19.97 -4.13 4.11
N SER A 5 18.74 -3.83 4.50
CA SER A 5 17.60 -3.95 3.61
C SER A 5 16.35 -3.31 4.22
N SER A 6 15.60 -2.59 3.40
CA SER A 6 14.39 -1.93 3.86
C SER A 6 13.15 -2.70 3.44
N GLY A 7 12.01 -2.37 4.04
CA GLY A 7 10.77 -3.05 3.71
C GLY A 7 9.56 -2.30 4.20
N MET A 8 8.39 -2.66 3.68
CA MET A 8 7.14 -2.01 4.08
C MET A 8 6.03 -3.05 4.26
N ASP A 9 5.27 -2.90 5.34
CA ASP A 9 4.18 -3.82 5.64
C ASP A 9 2.83 -3.10 5.54
N VAL A 10 2.20 -3.19 4.37
CA VAL A 10 0.91 -2.55 4.15
C VAL A 10 -0.09 -2.94 5.24
N ARG A 11 0.09 -4.13 5.80
CA ARG A 11 -0.78 -4.63 6.84
C ARG A 11 -0.57 -3.86 8.15
N ARG A 12 0.63 -3.33 8.32
CA ARG A 12 0.97 -2.58 9.53
C ARG A 12 0.78 -1.09 9.29
N LEU A 13 -0.16 -0.73 8.42
CA LEU A 13 -0.42 0.67 8.13
C LEU A 13 -1.88 1.01 8.41
N LYS A 14 -2.11 1.92 9.35
CA LYS A 14 -3.45 2.34 9.72
C LYS A 14 -4.23 2.78 8.48
N VAL A 15 -5.54 2.94 8.64
CA VAL A 15 -6.41 3.36 7.55
C VAL A 15 -5.95 4.68 6.96
N ASN A 16 -5.47 5.57 7.83
CA ASN A 16 -4.99 6.88 7.39
C ASN A 16 -3.72 6.75 6.56
N GLU A 17 -2.83 5.86 6.98
CA GLU A 17 -1.57 5.65 6.28
C GLU A 17 -1.83 5.10 4.88
N LEU A 18 -2.80 4.20 4.77
CA LEU A 18 -3.15 3.60 3.48
C LEU A 18 -3.76 4.64 2.55
N ARG A 19 -4.60 5.51 3.10
CA ARG A 19 -5.25 6.54 2.31
C ARG A 19 -4.22 7.51 1.73
N GLU A 20 -3.28 7.94 2.56
CA GLU A 20 -2.24 8.87 2.13
C GLU A 20 -1.34 8.22 1.07
N GLU A 21 -1.00 6.96 1.29
CA GLU A 21 -0.15 6.23 0.36
C GLU A 21 -0.87 6.00 -0.97
N LEU A 22 -2.14 5.63 -0.90
CA LEU A 22 -2.94 5.39 -2.09
C LEU A 22 -3.11 6.67 -2.91
N GLN A 23 -3.39 7.77 -2.21
CA GLN A 23 -3.58 9.06 -2.87
C GLN A 23 -2.32 9.48 -3.61
N ARG A 24 -1.16 9.16 -3.03
CA ARG A 24 0.12 9.51 -3.64
C ARG A 24 0.31 8.78 -4.97
N ARG A 25 -0.19 7.56 -5.04
CA ARG A 25 -0.07 6.75 -6.25
C ARG A 25 -1.27 6.98 -7.17
N GLY A 26 -2.10 7.95 -6.82
CA GLY A 26 -3.28 8.25 -7.62
C GLY A 26 -4.28 7.12 -7.62
N LEU A 27 -4.24 6.29 -6.58
CA LEU A 27 -5.15 5.17 -6.46
C LEU A 27 -6.39 5.56 -5.66
N ASP A 28 -7.52 4.93 -5.98
CA ASP A 28 -8.78 5.22 -5.30
C ASP A 28 -8.65 4.90 -3.81
N THR A 29 -9.26 5.75 -2.98
CA THR A 29 -9.22 5.56 -1.53
C THR A 29 -10.58 5.13 -1.00
N ARG A 30 -11.28 4.32 -1.78
CA ARG A 30 -12.60 3.83 -1.39
C ARG A 30 -12.52 2.37 -0.96
N GLY A 31 -13.49 1.93 -0.17
CA GLY A 31 -13.52 0.55 0.29
C GLY A 31 -13.01 0.41 1.72
N LEU A 32 -13.43 -0.66 2.39
CA LEU A 32 -13.01 -0.91 3.77
C LEU A 32 -11.50 -0.90 3.89
N LYS A 33 -11.01 -0.86 5.12
CA LYS A 33 -9.57 -0.85 5.37
C LYS A 33 -8.88 -2.00 4.65
N ALA A 34 -9.43 -3.20 4.81
CA ALA A 34 -8.86 -4.39 4.16
C ALA A 34 -8.80 -4.21 2.65
N GLU A 35 -9.84 -3.63 2.08
CA GLU A 35 -9.90 -3.39 0.63
C GLU A 35 -8.77 -2.48 0.18
N LEU A 36 -8.52 -1.44 0.96
CA LEU A 36 -7.46 -0.48 0.66
C LEU A 36 -6.09 -1.17 0.66
N ALA A 37 -5.88 -2.05 1.63
CA ALA A 37 -4.61 -2.77 1.74
C ALA A 37 -4.37 -3.64 0.51
N GLU A 38 -5.42 -4.32 0.06
CA GLU A 38 -5.31 -5.19 -1.11
C GLU A 38 -4.99 -4.38 -2.37
N ARG A 39 -5.65 -3.23 -2.50
CA ARG A 39 -5.44 -2.36 -3.66
C ARG A 39 -4.06 -1.71 -3.60
N LEU A 40 -3.61 -1.38 -2.40
CA LEU A 40 -2.32 -0.75 -2.21
C LEU A 40 -1.19 -1.70 -2.60
N GLN A 41 -1.30 -2.95 -2.15
CA GLN A 41 -0.28 -3.95 -2.46
C GLN A 41 -0.22 -4.23 -3.95
N ALA A 42 -1.38 -4.20 -4.61
CA ALA A 42 -1.45 -4.44 -6.04
C ALA A 42 -0.58 -3.45 -6.80
N ALA A 43 -0.54 -2.21 -6.33
CA ALA A 43 0.26 -1.18 -6.98
C ALA A 43 1.75 -1.36 -6.67
N LEU A 44 2.05 -1.69 -5.42
CA LEU A 44 3.44 -1.90 -5.01
C LEU A 44 4.06 -3.07 -5.74
N SER A 45 3.34 -4.19 -5.79
CA SER A 45 3.82 -5.39 -6.47
C SER A 45 2.66 -6.18 -7.07
N GLY A 46 2.65 -6.31 -8.39
CA GLY A 46 1.59 -7.04 -9.05
C GLY A 46 1.79 -8.54 -8.98
N PRO A 47 0.68 -9.29 -8.90
CA PRO A 47 0.71 -10.76 -8.83
C PRO A 47 1.17 -11.39 -10.14
N SER A 48 1.06 -10.64 -11.23
CA SER A 48 1.46 -11.13 -12.54
C SER A 48 2.71 -12.00 -12.44
N SER A 49 2.61 -13.24 -12.93
CA SER A 49 3.72 -14.17 -12.89
C SER A 49 4.94 -13.58 -13.61
N GLY A 50 6.12 -14.10 -13.27
CA GLY A 50 7.34 -13.61 -13.90
C GLY A 50 7.32 -13.76 -15.40
N GLY A 1 20.71 -0.09 -3.09
CA GLY A 1 20.41 1.03 -2.23
C GLY A 1 21.32 1.10 -1.03
N SER A 2 20.83 0.64 0.12
CA SER A 2 21.63 0.65 1.34
C SER A 2 21.11 -0.38 2.33
N SER A 3 21.84 -0.58 3.42
CA SER A 3 21.48 -1.55 4.45
C SER A 3 19.98 -1.47 4.75
N GLY A 4 19.35 -2.62 4.93
CA GLY A 4 17.93 -2.66 5.21
C GLY A 4 17.08 -2.83 3.97
N SER A 5 16.03 -2.04 3.86
CA SER A 5 15.14 -2.12 2.70
C SER A 5 14.68 -3.56 2.46
N SER A 6 14.15 -4.20 3.51
CA SER A 6 13.69 -5.57 3.41
C SER A 6 12.32 -5.64 2.74
N GLY A 7 11.44 -4.71 3.12
CA GLY A 7 10.10 -4.68 2.55
C GLY A 7 9.21 -3.65 3.22
N MET A 8 7.92 -3.73 2.95
CA MET A 8 6.96 -2.79 3.53
C MET A 8 5.73 -3.53 4.05
N ASP A 9 5.37 -3.26 5.30
CA ASP A 9 4.20 -3.89 5.92
C ASP A 9 2.95 -3.06 5.69
N VAL A 10 2.23 -3.37 4.61
CA VAL A 10 1.01 -2.64 4.29
C VAL A 10 -0.09 -2.91 5.32
N ARG A 11 -0.03 -4.08 5.94
CA ARG A 11 -1.02 -4.46 6.95
C ARG A 11 -0.92 -3.54 8.16
N ARG A 12 0.29 -3.37 8.67
CA ARG A 12 0.52 -2.53 9.83
C ARG A 12 0.08 -1.09 9.55
N LEU A 13 0.17 -0.68 8.29
CA LEU A 13 -0.21 0.67 7.90
C LEU A 13 -1.69 0.92 8.20
N LYS A 14 -1.94 1.75 9.21
CA LYS A 14 -3.31 2.07 9.59
C LYS A 14 -4.13 2.49 8.38
N VAL A 15 -5.42 2.75 8.60
CA VAL A 15 -6.31 3.16 7.53
C VAL A 15 -5.89 4.49 6.93
N ASN A 16 -5.39 5.38 7.80
CA ASN A 16 -4.94 6.71 7.36
C ASN A 16 -3.70 6.59 6.47
N GLU A 17 -2.78 5.70 6.85
CA GLU A 17 -1.56 5.50 6.10
C GLU A 17 -1.86 4.98 4.70
N LEU A 18 -2.78 4.02 4.61
CA LEU A 18 -3.16 3.43 3.34
C LEU A 18 -3.85 4.48 2.44
N ARG A 19 -4.77 5.22 3.03
CA ARG A 19 -5.50 6.25 2.28
C ARG A 19 -4.54 7.30 1.73
N GLU A 20 -3.59 7.72 2.57
CA GLU A 20 -2.62 8.72 2.17
C GLU A 20 -1.71 8.20 1.06
N GLU A 21 -1.24 6.97 1.22
CA GLU A 21 -0.36 6.35 0.23
C GLU A 21 -1.07 6.24 -1.12
N LEU A 22 -2.30 5.72 -1.10
CA LEU A 22 -3.07 5.56 -2.33
C LEU A 22 -3.24 6.90 -3.05
N GLN A 23 -3.47 7.96 -2.27
CA GLN A 23 -3.64 9.28 -2.84
C GLN A 23 -2.38 9.75 -3.55
N ARG A 24 -1.23 9.48 -2.94
CA ARG A 24 0.06 9.86 -3.51
C ARG A 24 0.28 9.18 -4.85
N ARG A 25 -0.09 7.90 -4.93
CA ARG A 25 0.07 7.13 -6.16
C ARG A 25 -1.01 7.47 -7.16
N GLY A 26 -2.19 7.87 -6.66
CA GLY A 26 -3.29 8.23 -7.54
C GLY A 26 -4.30 7.11 -7.66
N LEU A 27 -4.34 6.23 -6.67
CA LEU A 27 -5.28 5.11 -6.68
C LEU A 27 -6.48 5.41 -5.78
N ASP A 28 -7.63 4.85 -6.15
CA ASP A 28 -8.85 5.04 -5.37
C ASP A 28 -8.60 4.80 -3.89
N THR A 29 -9.31 5.55 -3.05
CA THR A 29 -9.17 5.41 -1.60
C THR A 29 -10.49 5.03 -0.95
N ARG A 30 -11.39 4.45 -1.74
CA ARG A 30 -12.70 4.04 -1.24
C ARG A 30 -12.64 2.61 -0.70
N GLY A 31 -13.63 2.25 0.11
CA GLY A 31 -13.68 0.93 0.68
C GLY A 31 -13.17 0.89 2.11
N LEU A 32 -12.99 -0.33 2.64
CA LEU A 32 -12.49 -0.50 3.99
C LEU A 32 -10.98 -0.67 4.02
N LYS A 33 -10.42 -0.79 5.20
CA LYS A 33 -8.98 -0.96 5.36
C LYS A 33 -8.48 -2.14 4.52
N ALA A 34 -9.19 -3.25 4.61
CA ALA A 34 -8.82 -4.45 3.86
C ALA A 34 -8.81 -4.18 2.36
N GLU A 35 -9.82 -3.45 1.89
CA GLU A 35 -9.93 -3.13 0.48
C GLU A 35 -8.76 -2.25 0.03
N LEU A 36 -8.42 -1.26 0.85
CA LEU A 36 -7.32 -0.36 0.54
C LEU A 36 -5.98 -1.10 0.58
N ALA A 37 -5.83 -2.00 1.54
CA ALA A 37 -4.61 -2.78 1.68
C ALA A 37 -4.37 -3.66 0.46
N GLU A 38 -5.41 -4.37 0.04
CA GLU A 38 -5.31 -5.25 -1.12
C GLU A 38 -5.01 -4.45 -2.38
N ARG A 39 -5.64 -3.30 -2.51
CA ARG A 39 -5.44 -2.44 -3.68
C ARG A 39 -4.05 -1.83 -3.67
N LEU A 40 -3.62 -1.37 -2.50
CA LEU A 40 -2.29 -0.76 -2.35
C LEU A 40 -1.19 -1.78 -2.65
N GLN A 41 -1.33 -2.97 -2.08
CA GLN A 41 -0.34 -4.02 -2.29
C GLN A 41 -0.21 -4.36 -3.77
N ALA A 42 -1.33 -4.33 -4.48
CA ALA A 42 -1.33 -4.64 -5.91
C ALA A 42 -0.42 -3.68 -6.68
N ALA A 43 -0.42 -2.42 -6.28
CA ALA A 43 0.41 -1.41 -6.92
C ALA A 43 1.87 -1.57 -6.54
N LEU A 44 2.11 -1.89 -5.27
CA LEU A 44 3.47 -2.07 -4.77
C LEU A 44 4.16 -3.23 -5.48
N SER A 45 3.43 -4.34 -5.63
CA SER A 45 3.98 -5.52 -6.30
C SER A 45 4.92 -5.13 -7.42
N GLY A 46 4.49 -4.16 -8.23
CA GLY A 46 5.32 -3.70 -9.35
C GLY A 46 5.50 -2.20 -9.35
N PRO A 47 6.27 -1.70 -10.32
CA PRO A 47 6.55 -0.26 -10.45
C PRO A 47 5.32 0.52 -10.90
N SER A 48 4.61 1.09 -9.95
CA SER A 48 3.40 1.87 -10.24
C SER A 48 3.74 3.05 -11.15
N SER A 49 3.43 2.90 -12.43
CA SER A 49 3.69 3.95 -13.41
C SER A 49 2.41 4.34 -14.15
N GLY A 50 2.48 5.45 -14.90
CA GLY A 50 1.32 5.90 -15.64
C GLY A 50 1.66 6.19 -17.10
N GLY A 1 17.74 0.32 5.32
CA GLY A 1 16.32 0.28 5.61
C GLY A 1 16.03 -0.02 7.06
N SER A 2 15.13 0.75 7.66
CA SER A 2 14.78 0.57 9.06
C SER A 2 13.43 -0.14 9.19
N SER A 3 12.43 0.38 8.49
CA SER A 3 11.09 -0.20 8.53
C SER A 3 11.02 -1.47 7.70
N GLY A 4 10.41 -2.51 8.26
CA GLY A 4 10.29 -3.77 7.57
C GLY A 4 11.52 -4.10 6.75
N SER A 5 12.47 -4.79 7.37
CA SER A 5 13.72 -5.16 6.69
C SER A 5 13.41 -5.92 5.39
N SER A 6 12.50 -6.88 5.47
CA SER A 6 12.12 -7.67 4.31
C SER A 6 10.78 -7.21 3.75
N GLY A 7 10.82 -6.54 2.60
CA GLY A 7 9.61 -6.05 1.98
C GLY A 7 8.94 -4.96 2.79
N MET A 8 7.79 -4.49 2.31
CA MET A 8 7.05 -3.44 2.99
C MET A 8 5.75 -3.97 3.58
N ASP A 9 5.75 -4.19 4.89
CA ASP A 9 4.58 -4.71 5.58
C ASP A 9 3.45 -3.67 5.59
N VAL A 10 2.54 -3.78 4.63
CA VAL A 10 1.42 -2.86 4.53
C VAL A 10 0.45 -3.05 5.68
N ARG A 11 0.14 -4.31 5.99
CA ARG A 11 -0.77 -4.62 7.08
C ARG A 11 -0.53 -3.72 8.29
N ARG A 12 0.72 -3.28 8.45
CA ARG A 12 1.10 -2.42 9.56
C ARG A 12 0.81 -0.96 9.23
N LEU A 13 -0.19 -0.73 8.40
CA LEU A 13 -0.56 0.62 8.00
C LEU A 13 -2.06 0.86 8.21
N LYS A 14 -2.39 1.74 9.15
CA LYS A 14 -3.77 2.06 9.45
C LYS A 14 -4.47 2.62 8.22
N VAL A 15 -5.79 2.83 8.33
CA VAL A 15 -6.57 3.36 7.23
C VAL A 15 -6.02 4.70 6.75
N ASN A 16 -5.59 5.53 7.70
CA ASN A 16 -5.03 6.84 7.38
C ASN A 16 -3.73 6.70 6.60
N GLU A 17 -2.90 5.76 7.01
CA GLU A 17 -1.61 5.53 6.35
C GLU A 17 -1.82 4.99 4.95
N LEU A 18 -2.79 4.08 4.79
CA LEU A 18 -3.08 3.48 3.50
C LEU A 18 -3.64 4.52 2.53
N ARG A 19 -4.52 5.37 3.05
CA ARG A 19 -5.14 6.43 2.22
C ARG A 19 -4.07 7.37 1.67
N GLU A 20 -3.11 7.72 2.52
CA GLU A 20 -2.03 8.61 2.11
C GLU A 20 -1.21 8.01 0.98
N GLU A 21 -0.86 6.74 1.13
CA GLU A 21 -0.07 6.03 0.12
C GLU A 21 -0.86 5.90 -1.19
N LEU A 22 -2.11 5.49 -1.08
CA LEU A 22 -2.98 5.33 -2.25
C LEU A 22 -3.19 6.66 -2.96
N GLN A 23 -3.42 7.71 -2.17
CA GLN A 23 -3.64 9.04 -2.74
C GLN A 23 -2.40 9.53 -3.47
N ARG A 24 -1.24 9.35 -2.86
CA ARG A 24 0.02 9.78 -3.45
C ARG A 24 0.24 9.10 -4.81
N ARG A 25 -0.24 7.88 -4.94
CA ARG A 25 -0.09 7.13 -6.18
C ARG A 25 -1.22 7.49 -7.16
N GLY A 26 -2.36 7.90 -6.62
CA GLY A 26 -3.48 8.27 -7.46
C GLY A 26 -4.50 7.16 -7.57
N LEU A 27 -4.45 6.21 -6.63
CA LEU A 27 -5.39 5.09 -6.63
C LEU A 27 -6.61 5.40 -5.78
N ASP A 28 -7.75 4.82 -6.14
CA ASP A 28 -8.98 5.03 -5.41
C ASP A 28 -8.76 4.89 -3.90
N THR A 29 -9.35 5.80 -3.14
CA THR A 29 -9.21 5.78 -1.68
C THR A 29 -10.52 5.40 -1.01
N ARG A 30 -11.28 4.53 -1.67
CA ARG A 30 -12.56 4.07 -1.12
C ARG A 30 -12.52 2.58 -0.80
N GLY A 31 -13.49 2.12 -0.02
CA GLY A 31 -13.55 0.72 0.35
C GLY A 31 -13.04 0.46 1.74
N LEU A 32 -13.49 -0.63 2.35
CA LEU A 32 -13.06 -0.98 3.70
C LEU A 32 -11.54 -0.90 3.84
N LYS A 33 -11.08 -0.83 5.08
CA LYS A 33 -9.64 -0.75 5.35
C LYS A 33 -8.89 -1.85 4.64
N ALA A 34 -9.39 -3.08 4.77
CA ALA A 34 -8.76 -4.23 4.13
C ALA A 34 -8.71 -4.06 2.62
N GLU A 35 -9.77 -3.50 2.04
CA GLU A 35 -9.83 -3.28 0.61
C GLU A 35 -8.74 -2.33 0.15
N LEU A 36 -8.43 -1.33 0.99
CA LEU A 36 -7.41 -0.36 0.67
C LEU A 36 -6.02 -1.00 0.67
N ALA A 37 -5.78 -1.88 1.63
CA ALA A 37 -4.50 -2.57 1.73
C ALA A 37 -4.26 -3.47 0.53
N GLU A 38 -5.30 -4.21 0.14
CA GLU A 38 -5.20 -5.11 -1.01
C GLU A 38 -4.93 -4.34 -2.29
N ARG A 39 -5.56 -3.17 -2.42
CA ARG A 39 -5.38 -2.34 -3.60
C ARG A 39 -3.98 -1.74 -3.65
N LEU A 40 -3.52 -1.26 -2.50
CA LEU A 40 -2.19 -0.66 -2.40
C LEU A 40 -1.10 -1.69 -2.70
N GLN A 41 -1.25 -2.88 -2.13
CA GLN A 41 -0.28 -3.95 -2.34
C GLN A 41 -0.16 -4.29 -3.82
N ALA A 42 -1.31 -4.39 -4.50
CA ALA A 42 -1.32 -4.71 -5.92
C ALA A 42 -0.51 -3.70 -6.72
N ALA A 43 -0.58 -2.43 -6.33
CA ALA A 43 0.16 -1.38 -7.01
C ALA A 43 1.65 -1.43 -6.67
N LEU A 44 1.96 -1.78 -5.42
CA LEU A 44 3.34 -1.87 -4.97
C LEU A 44 4.07 -2.99 -5.70
N SER A 45 3.48 -4.18 -5.72
CA SER A 45 4.07 -5.33 -6.37
C SER A 45 4.50 -4.98 -7.80
N GLY A 46 5.81 -4.80 -8.00
CA GLY A 46 6.32 -4.46 -9.30
C GLY A 46 5.66 -5.25 -10.42
N PRO A 47 5.52 -4.62 -11.59
CA PRO A 47 4.89 -5.26 -12.75
C PRO A 47 5.76 -6.37 -13.34
N SER A 48 5.13 -7.51 -13.62
CA SER A 48 5.83 -8.65 -14.19
C SER A 48 6.12 -8.44 -15.67
N SER A 49 5.10 -8.00 -16.40
CA SER A 49 5.24 -7.75 -17.83
C SER A 49 5.22 -6.26 -18.13
N GLY A 50 4.26 -5.56 -17.54
CA GLY A 50 4.15 -4.13 -17.75
C GLY A 50 2.75 -3.61 -17.51
#